data_5FQE
#
_entry.id   5FQE
#
_cell.length_a   85.420
_cell.length_b   115.030
_cell.length_c   135.580
_cell.angle_alpha   90.00
_cell.angle_beta   90.00
_cell.angle_gamma   90.00
#
_symmetry.space_group_name_H-M   'P 21 21 21'
#
loop_
_entity.id
_entity.type
_entity.pdbx_description
1 polymer BETA-N-ACETYLGALACTOSAMINIDASE
2 non-polymer 'FORMIC ACID'
3 non-polymer 'BROMIDE ION'
4 non-polymer (4S)-2-METHYL-2,4-PENTANEDIOL
5 water water
#
_entity_poly.entity_id   1
_entity_poly.type   'polypeptide(L)'
_entity_poly.pdbx_seq_one_letter_code
;MGSSHHHHHHSSGLVPRGSHMASMKKDTTLGASIGSTDFHYLQKDYDEIKKLNLNTWNEVAWIGDELNSKIVMWTNSSPV
NNVTLSSSDFINENGDLISSNNIKISWLKETLANIGRSNPSAPLEPFPDIIHNSGSLNIEKNKIASAWINIKIPRNAKPG
IYNGSIEVTADELEKSYTFDYSFEVLNLVQPLPSETNTQIEFWQHPYTIARYYKICKEDLFTEKHFKYLRGNLKEYRNMG
GRGVIATIVHEAWNHQSYDSDPSMIKWRKNSYGTFEFDYSHFDKWIQLNIDLGILDPEKGFGQIKCYSIVPWNNRIQYFN
EATNKEEAINPTPGSDLWINIWTQFLTSFMSHLEEKGWFNITYISMDERSMDDLKACVDLIENITNNSYEHFKISSAMDY
ESGNDYSFLDRIDDISIGLSHINHNSDDMKNMATHRQELGLLTTIYTCTGDYPSSFTISDPSEGAFTIWYSLYQNTNGFL
RWSWDGWVENPLENVSYKYWEPGDPFLIYPAEKDSIGKTFYSTPRLEKLKEGIRDINKAKYLMEKAPNLKNSIENLIYSL
KRPNKGENAYGSAVAASKEDRDLTISEANRIKNGINNFAREFISLTMETL
;
_entity_poly.pdbx_strand_id   A,B
#
# COMPACT_ATOMS: atom_id res chain seq x y z
N THR A 28 -23.07 -39.64 17.03
CA THR A 28 -22.79 -38.50 17.96
C THR A 28 -23.73 -37.37 17.63
N THR A 29 -24.60 -36.98 18.56
CA THR A 29 -25.45 -35.83 18.32
C THR A 29 -24.67 -34.53 18.46
N LEU A 30 -23.89 -34.40 19.53
CA LEU A 30 -23.08 -33.18 19.78
C LEU A 30 -21.67 -33.60 20.11
N GLY A 31 -20.69 -33.10 19.35
CA GLY A 31 -19.27 -33.33 19.67
C GLY A 31 -18.72 -32.06 20.31
N ALA A 32 -17.62 -32.21 21.02
CA ALA A 32 -17.03 -31.07 21.75
C ALA A 32 -15.59 -31.31 22.05
N SER A 33 -14.79 -30.23 21.95
CA SER A 33 -13.40 -30.28 22.23
C SER A 33 -12.96 -28.91 22.76
N ILE A 34 -11.93 -28.90 23.56
CA ILE A 34 -11.27 -27.59 23.80
C ILE A 34 -10.68 -27.16 22.46
N GLY A 35 -10.73 -25.85 22.22
CA GLY A 35 -10.19 -25.23 21.01
C GLY A 35 -9.35 -24.02 21.40
N SER A 36 -8.55 -23.58 20.47
CA SER A 36 -7.65 -22.41 20.64
C SER A 36 -8.45 -21.11 20.50
N THR A 37 -8.10 -20.11 21.28
CA THR A 37 -8.54 -18.74 21.05
C THR A 37 -7.77 -17.99 20.04
N ASP A 38 -6.71 -18.58 19.50
CA ASP A 38 -5.87 -17.86 18.53
C ASP A 38 -6.37 -17.73 17.11
N PHE A 39 -7.29 -18.59 16.69
CA PHE A 39 -7.82 -18.60 15.35
C PHE A 39 -9.30 -18.95 15.42
N HIS A 40 -10.01 -18.61 14.34
CA HIS A 40 -11.43 -18.89 14.26
C HIS A 40 -11.68 -20.38 13.90
N TYR A 41 -12.73 -20.97 14.47
CA TYR A 41 -13.27 -22.25 14.01
C TYR A 41 -14.44 -21.92 13.13
N LEU A 42 -14.27 -22.16 11.83
CA LEU A 42 -15.11 -21.77 10.78
C LEU A 42 -15.98 -22.90 10.23
N GLN A 43 -17.18 -22.54 9.76
CA GLN A 43 -18.06 -23.56 9.14
C GLN A 43 -17.40 -24.31 8.01
N LYS A 44 -16.58 -23.65 7.18
CA LYS A 44 -15.92 -24.33 6.05
C LYS A 44 -14.96 -25.45 6.46
N ASP A 45 -14.50 -25.42 7.72
CA ASP A 45 -13.58 -26.40 8.25
C ASP A 45 -14.23 -27.52 9.09
N TYR A 46 -15.54 -27.60 9.00
CA TYR A 46 -16.36 -28.57 9.73
C TYR A 46 -15.76 -29.98 9.75
N ASP A 47 -15.37 -30.48 8.59
CA ASP A 47 -14.91 -31.88 8.56
C ASP A 47 -13.60 -32.09 9.34
N GLU A 48 -12.71 -31.12 9.34
CA GLU A 48 -11.48 -31.25 10.11
C GLU A 48 -11.75 -30.99 11.61
N ILE A 49 -12.60 -30.00 11.90
CA ILE A 49 -12.90 -29.68 13.29
C ILE A 49 -13.49 -30.85 14.04
N LYS A 50 -14.33 -31.64 13.34
CA LYS A 50 -14.95 -32.80 13.96
C LYS A 50 -13.98 -33.89 14.42
N LYS A 51 -12.71 -33.79 14.03
CA LYS A 51 -11.71 -34.75 14.48
C LYS A 51 -11.08 -34.37 15.79
N LEU A 52 -11.35 -33.18 16.32
CA LEU A 52 -10.70 -32.78 17.56
C LEU A 52 -11.14 -33.58 18.79
N ASN A 53 -10.23 -33.74 19.73
CA ASN A 53 -10.47 -34.49 20.94
C ASN A 53 -9.50 -34.03 22.05
N LEU A 54 -9.49 -32.74 22.31
CA LEU A 54 -8.72 -32.17 23.42
C LEU A 54 -9.62 -31.98 24.64
N ASN A 55 -9.26 -32.58 25.76
CA ASN A 55 -10.06 -32.63 26.95
C ASN A 55 -9.49 -32.00 28.21
N THR A 56 -8.29 -31.43 28.09
CA THR A 56 -7.61 -30.77 29.19
C THR A 56 -6.98 -29.48 28.74
N TRP A 57 -6.88 -28.55 29.70
CA TRP A 57 -6.30 -27.23 29.40
C TRP A 57 -5.55 -26.76 30.63
N ASN A 58 -4.46 -26.01 30.40
CA ASN A 58 -3.74 -25.40 31.49
C ASN A 58 -3.03 -24.18 30.98
N GLU A 59 -3.09 -23.10 31.75
CA GLU A 59 -2.33 -21.90 31.48
C GLU A 59 -1.88 -21.25 32.75
N VAL A 60 -1.05 -20.23 32.56
CA VAL A 60 -0.38 -19.55 33.67
C VAL A 60 -0.83 -18.07 33.68
N ALA A 61 -1.15 -17.57 34.87
CA ALA A 61 -1.58 -16.19 35.07
C ALA A 61 -0.94 -15.61 36.29
N TRP A 62 -0.99 -14.30 36.42
CA TRP A 62 -0.64 -13.59 37.63
C TRP A 62 -1.85 -13.34 38.49
N ILE A 63 -1.65 -12.93 39.74
CA ILE A 63 -2.77 -12.47 40.58
C ILE A 63 -3.40 -11.26 39.85
N GLY A 64 -4.72 -11.22 39.71
CA GLY A 64 -5.35 -10.04 39.13
C GLY A 64 -5.34 -10.06 37.57
N ASP A 65 -4.87 -11.15 36.98
CA ASP A 65 -4.81 -11.34 35.53
C ASP A 65 -6.09 -11.97 35.02
N GLU A 66 -6.15 -12.26 33.73
CA GLU A 66 -7.28 -12.96 33.10
C GLU A 66 -6.74 -14.01 32.20
N LEU A 67 -7.52 -15.06 32.00
CA LEU A 67 -7.23 -16.12 31.05
C LEU A 67 -8.45 -16.32 30.15
N ASN A 68 -8.21 -16.72 28.90
CA ASN A 68 -9.28 -17.04 27.96
C ASN A 68 -9.08 -18.39 27.37
N SER A 69 -10.19 -19.11 27.20
CA SER A 69 -10.19 -20.41 26.55
C SER A 69 -11.40 -20.50 25.64
N LYS A 70 -11.62 -21.66 25.04
CA LYS A 70 -12.71 -21.86 24.14
C LYS A 70 -13.10 -23.32 24.07
N ILE A 71 -14.38 -23.65 24.00
CA ILE A 71 -14.82 -25.01 23.69
C ILE A 71 -15.55 -24.91 22.34
N VAL A 72 -15.17 -25.79 21.42
CA VAL A 72 -15.72 -25.88 20.07
C VAL A 72 -16.63 -27.10 20.02
N MET A 73 -17.79 -26.92 19.46
CA MET A 73 -18.78 -27.97 19.40
C MET A 73 -19.29 -28.13 17.99
N TRP A 74 -19.86 -29.31 17.73
CA TRP A 74 -20.38 -29.58 16.42
C TRP A 74 -21.56 -30.53 16.49
N THR A 75 -22.47 -30.30 15.56
CA THR A 75 -23.61 -31.20 15.40
C THR A 75 -23.39 -32.03 14.20
N ASN A 76 -24.10 -33.16 14.17
CA ASN A 76 -24.17 -34.00 12.97
C ASN A 76 -25.55 -33.86 12.30
N SER A 77 -26.27 -34.96 11.94
CA SER A 77 -27.43 -34.79 11.09
C SER A 77 -28.66 -34.29 11.84
N SER A 78 -28.64 -34.22 13.19
CA SER A 78 -29.76 -33.68 13.96
C SER A 78 -29.43 -32.33 14.59
N PRO A 79 -30.42 -31.43 14.67
CA PRO A 79 -30.18 -30.27 15.52
C PRO A 79 -30.05 -30.69 16.95
N VAL A 80 -29.41 -29.84 17.75
CA VAL A 80 -29.28 -30.09 19.18
C VAL A 80 -29.72 -28.83 19.91
N ASN A 81 -30.55 -28.98 20.93
CA ASN A 81 -31.17 -27.85 21.61
C ASN A 81 -30.68 -27.69 23.00
N ASN A 82 -30.70 -26.43 23.46
CA ASN A 82 -30.40 -26.13 24.84
C ASN A 82 -29.02 -26.60 25.27
N VAL A 83 -28.04 -26.29 24.43
CA VAL A 83 -26.65 -26.58 24.74
C VAL A 83 -26.23 -25.54 25.81
N THR A 84 -25.66 -26.01 26.89
CA THR A 84 -25.24 -25.13 27.96
C THR A 84 -23.90 -25.56 28.55
N LEU A 85 -23.13 -24.57 29.02
CA LEU A 85 -21.84 -24.79 29.64
C LEU A 85 -21.85 -24.18 31.00
N SER A 86 -21.21 -24.86 31.93
CA SER A 86 -21.19 -24.45 33.34
C SER A 86 -19.80 -24.70 33.87
N SER A 87 -19.30 -23.77 34.67
CA SER A 87 -18.04 -23.91 35.38
C SER A 87 -18.26 -24.24 36.84
N SER A 88 -17.37 -25.09 37.36
CA SER A 88 -17.20 -25.27 38.78
C SER A 88 -16.41 -24.10 39.40
N ASP A 89 -16.35 -24.08 40.72
CA ASP A 89 -15.36 -23.32 41.44
C ASP A 89 -13.99 -23.89 41.11
N PHE A 90 -12.96 -23.07 41.28
CA PHE A 90 -11.59 -23.52 41.11
C PHE A 90 -10.90 -23.48 42.44
N ILE A 91 -10.14 -24.55 42.76
CA ILE A 91 -9.59 -24.72 44.09
C ILE A 91 -8.14 -25.11 43.91
N ASN A 92 -7.29 -24.53 44.74
CA ASN A 92 -5.86 -24.88 44.70
C ASN A 92 -5.46 -25.99 45.71
N GLU A 93 -4.17 -26.23 45.82
N GLU A 93 -4.16 -26.30 45.79
CA GLU A 93 -3.69 -27.38 46.60
CA GLU A 93 -3.64 -27.35 46.69
C GLU A 93 -3.80 -27.13 48.11
C GLU A 93 -4.07 -27.15 48.13
N ASN A 94 -4.10 -25.89 48.53
CA ASN A 94 -4.36 -25.55 49.92
C ASN A 94 -5.83 -25.30 50.24
N GLY A 95 -6.70 -25.57 49.27
CA GLY A 95 -8.13 -25.34 49.41
C GLY A 95 -8.55 -23.90 49.19
N ASP A 96 -7.66 -23.05 48.68
CA ASP A 96 -8.04 -21.69 48.38
C ASP A 96 -8.99 -21.69 47.16
N LEU A 97 -9.96 -20.78 47.19
CA LEU A 97 -11.08 -20.78 46.24
C LEU A 97 -11.01 -19.59 45.27
N ILE A 98 -11.17 -19.86 43.96
CA ILE A 98 -11.56 -18.83 43.04
C ILE A 98 -12.95 -19.22 42.58
N SER A 99 -13.93 -18.39 42.98
CA SER A 99 -15.33 -18.68 42.75
C SER A 99 -15.69 -18.78 41.27
N SER A 100 -16.65 -19.66 40.93
CA SER A 100 -17.30 -19.64 39.63
C SER A 100 -17.84 -18.25 39.28
N ASN A 101 -18.09 -17.36 40.23
CA ASN A 101 -18.43 -15.95 39.98
C ASN A 101 -17.44 -15.27 39.05
N ASN A 102 -16.22 -15.78 39.01
CA ASN A 102 -15.17 -15.17 38.22
C ASN A 102 -15.00 -15.73 36.84
N ILE A 103 -15.85 -16.67 36.45
CA ILE A 103 -15.78 -17.36 35.18
C ILE A 103 -17.02 -16.97 34.40
N LYS A 104 -16.86 -16.53 33.14
CA LYS A 104 -17.99 -16.19 32.31
C LYS A 104 -17.83 -16.93 31.00
N ILE A 105 -18.87 -17.64 30.54
CA ILE A 105 -18.84 -18.45 29.34
C ILE A 105 -19.88 -17.89 28.37
N SER A 106 -19.42 -17.41 27.21
CA SER A 106 -20.27 -16.72 26.28
C SER A 106 -20.23 -17.32 24.91
N TRP A 107 -21.37 -17.57 24.30
CA TRP A 107 -21.33 -18.14 22.97
C TRP A 107 -20.72 -17.13 21.94
N LEU A 108 -19.93 -17.65 21.02
CA LEU A 108 -19.47 -16.88 19.86
C LEU A 108 -20.62 -16.78 18.89
N LYS A 109 -20.90 -15.61 18.40
CA LYS A 109 -21.91 -15.42 17.39
C LYS A 109 -21.19 -15.12 16.08
N GLU A 110 -21.74 -15.67 15.01
CA GLU A 110 -21.21 -15.40 13.66
C GLU A 110 -21.96 -14.26 13.02
N THR A 111 -21.22 -13.49 12.22
CA THR A 111 -21.76 -12.46 11.37
C THR A 111 -21.14 -12.61 9.97
N LEU A 112 -21.82 -12.09 8.94
CA LEU A 112 -21.32 -12.21 7.57
C LEU A 112 -20.31 -11.15 7.27
N ALA A 113 -19.26 -11.52 6.53
CA ALA A 113 -18.23 -10.57 6.06
C ALA A 113 -17.85 -10.87 4.62
N ASN A 114 -17.95 -9.83 3.81
CA ASN A 114 -17.29 -9.80 2.47
C ASN A 114 -15.76 -9.91 2.80
N ILE A 115 -15.09 -10.90 2.23
CA ILE A 115 -13.70 -11.22 2.59
C ILE A 115 -12.69 -10.39 1.89
N GLY A 116 -13.13 -9.52 0.99
CA GLY A 116 -12.27 -8.62 0.25
C GLY A 116 -12.06 -7.24 0.82
N ARG A 117 -11.37 -6.43 0.02
CA ARG A 117 -11.16 -5.01 0.28
C ARG A 117 -11.60 -4.21 -0.94
N SER A 118 -12.58 -3.32 -0.78
CA SER A 118 -13.14 -2.55 -1.89
C SER A 118 -13.52 -3.43 -3.05
N ASN A 119 -14.13 -4.59 -2.77
CA ASN A 119 -14.42 -5.63 -3.76
C ASN A 119 -15.84 -6.16 -3.58
N PRO A 120 -16.80 -5.49 -4.23
CA PRO A 120 -18.18 -5.85 -4.00
C PRO A 120 -18.55 -7.24 -4.49
N SER A 121 -17.73 -7.84 -5.37
CA SER A 121 -18.03 -9.17 -5.82
C SER A 121 -17.36 -10.29 -5.00
N ALA A 122 -16.62 -9.94 -3.94
CA ALA A 122 -16.02 -10.98 -3.14
C ALA A 122 -17.04 -11.79 -2.35
N PRO A 123 -16.72 -13.02 -2.03
CA PRO A 123 -17.66 -13.85 -1.25
C PRO A 123 -17.93 -13.32 0.16
N LEU A 124 -19.12 -13.65 0.59
CA LEU A 124 -19.59 -13.36 1.93
C LEU A 124 -19.47 -14.66 2.67
N GLU A 125 -18.80 -14.63 3.81
CA GLU A 125 -18.64 -15.82 4.66
C GLU A 125 -18.93 -15.46 6.09
N PRO A 126 -19.34 -16.45 6.89
CA PRO A 126 -19.56 -16.22 8.33
C PRO A 126 -18.29 -16.28 9.14
N PHE A 127 -18.19 -15.39 10.12
CA PHE A 127 -17.10 -15.40 11.04
C PHE A 127 -17.54 -15.25 12.48
N PRO A 128 -16.94 -16.04 13.39
CA PRO A 128 -17.34 -16.04 14.82
C PRO A 128 -16.55 -14.91 15.55
N ASP A 129 -16.94 -13.69 15.24
CA ASP A 129 -16.22 -12.47 15.63
C ASP A 129 -16.85 -11.82 16.86
N ILE A 130 -17.99 -12.32 17.35
CA ILE A 130 -18.72 -11.64 18.41
C ILE A 130 -18.73 -12.48 19.68
N ILE A 131 -18.24 -11.96 20.77
CA ILE A 131 -18.40 -12.65 22.06
C ILE A 131 -19.78 -12.26 22.56
N HIS A 132 -20.74 -13.20 22.50
CA HIS A 132 -22.16 -12.85 22.58
C HIS A 132 -22.67 -13.17 23.98
N ASN A 133 -23.76 -13.88 24.14
CA ASN A 133 -24.32 -14.02 25.49
C ASN A 133 -24.08 -15.39 26.09
N SER A 134 -24.21 -15.41 27.40
CA SER A 134 -24.19 -16.62 28.22
C SER A 134 -25.52 -17.31 28.14
N GLY A 135 -25.55 -18.51 28.60
CA GLY A 135 -26.81 -19.25 28.65
C GLY A 135 -26.88 -20.32 27.60
N SER A 136 -28.08 -20.69 27.16
CA SER A 136 -28.28 -21.85 26.30
C SER A 136 -28.32 -21.46 24.84
N LEU A 137 -27.92 -22.37 23.98
CA LEU A 137 -27.97 -22.17 22.52
C LEU A 137 -28.57 -23.39 21.83
N ASN A 138 -29.45 -23.18 20.84
CA ASN A 138 -29.91 -24.25 19.96
C ASN A 138 -29.05 -24.22 18.66
N ILE A 139 -28.54 -25.38 18.27
CA ILE A 139 -27.62 -25.47 17.20
C ILE A 139 -28.24 -26.28 16.05
N GLU A 140 -28.17 -25.75 14.84
CA GLU A 140 -28.69 -26.44 13.65
C GLU A 140 -27.86 -27.62 13.28
N LYS A 141 -28.39 -28.50 12.43
CA LYS A 141 -27.64 -29.65 12.01
C LYS A 141 -26.39 -29.26 11.24
N ASN A 142 -25.40 -30.13 11.32
CA ASN A 142 -24.14 -30.05 10.53
C ASN A 142 -23.42 -28.70 10.71
N LYS A 143 -23.38 -28.25 11.96
CA LYS A 143 -22.80 -26.90 12.27
C LYS A 143 -21.70 -26.95 13.31
N ILE A 144 -20.80 -25.95 13.25
CA ILE A 144 -19.85 -25.63 14.31
C ILE A 144 -20.45 -24.54 15.15
N ALA A 145 -20.23 -24.60 16.47
CA ALA A 145 -20.55 -23.48 17.35
C ALA A 145 -19.54 -23.51 18.47
N SER A 146 -19.01 -22.35 18.86
CA SER A 146 -18.01 -22.29 19.93
C SER A 146 -18.43 -21.36 21.05
N ALA A 147 -17.91 -21.63 22.23
CA ALA A 147 -18.14 -20.81 23.41
C ALA A 147 -16.81 -20.33 23.96
N TRP A 148 -16.78 -19.03 24.21
CA TRP A 148 -15.62 -18.31 24.75
C TRP A 148 -15.66 -18.43 26.27
N ILE A 149 -14.54 -18.76 26.91
CA ILE A 149 -14.46 -18.85 28.33
C ILE A 149 -13.48 -17.80 28.86
N ASN A 150 -13.93 -16.96 29.77
CA ASN A 150 -13.08 -15.94 30.40
C ASN A 150 -12.97 -16.22 31.88
N ILE A 151 -11.75 -16.22 32.38
CA ILE A 151 -11.45 -16.47 33.79
C ILE A 151 -10.77 -15.23 34.37
N LYS A 152 -11.37 -14.54 35.33
CA LYS A 152 -10.76 -13.38 35.98
C LYS A 152 -10.15 -13.82 37.28
N ILE A 153 -8.85 -13.66 37.44
CA ILE A 153 -8.21 -13.98 38.70
C ILE A 153 -8.33 -12.81 39.67
N PRO A 154 -8.97 -13.01 40.84
CA PRO A 154 -9.09 -11.86 41.72
C PRO A 154 -7.75 -11.27 42.11
N ARG A 155 -7.74 -9.97 42.35
CA ARG A 155 -6.56 -9.26 42.82
C ARG A 155 -6.03 -9.64 44.20
N ASN A 156 -6.81 -10.37 44.96
CA ASN A 156 -6.27 -10.96 46.19
C ASN A 156 -6.25 -12.48 46.21
N ALA A 157 -6.22 -13.09 45.03
CA ALA A 157 -6.12 -14.52 44.94
C ALA A 157 -4.76 -15.00 45.50
N LYS A 158 -4.81 -16.16 46.13
CA LYS A 158 -3.59 -16.83 46.57
C LYS A 158 -2.92 -17.52 45.37
N PRO A 159 -1.61 -17.57 45.39
CA PRO A 159 -0.93 -18.30 44.33
C PRO A 159 -1.15 -19.78 44.45
N GLY A 160 -0.91 -20.49 43.37
CA GLY A 160 -0.96 -21.96 43.36
C GLY A 160 -1.51 -22.52 42.10
N ILE A 161 -1.74 -23.83 42.13
N ILE A 161 -1.68 -23.83 42.06
CA ILE A 161 -2.24 -24.58 40.99
CA ILE A 161 -2.28 -24.49 40.89
C ILE A 161 -3.73 -24.85 41.25
C ILE A 161 -3.72 -24.77 41.27
N TYR A 162 -4.62 -24.23 40.47
CA TYR A 162 -6.03 -24.37 40.67
C TYR A 162 -6.64 -25.33 39.70
N ASN A 163 -7.58 -26.16 40.18
CA ASN A 163 -8.27 -27.15 39.37
C ASN A 163 -9.78 -26.91 39.39
N GLY A 164 -10.39 -27.11 38.24
CA GLY A 164 -11.82 -27.05 38.08
C GLY A 164 -12.28 -27.71 36.82
N SER A 165 -13.58 -27.55 36.51
CA SER A 165 -14.09 -28.24 35.35
C SER A 165 -15.19 -27.50 34.72
N ILE A 166 -15.35 -27.68 33.41
CA ILE A 166 -16.45 -27.11 32.70
C ILE A 166 -17.28 -28.23 32.08
N GLU A 167 -18.57 -28.19 32.31
CA GLU A 167 -19.47 -29.25 31.88
C GLU A 167 -20.35 -28.74 30.72
N VAL A 168 -20.50 -29.53 29.69
CA VAL A 168 -21.37 -29.21 28.55
C VAL A 168 -22.55 -30.17 28.57
N THR A 169 -23.75 -29.62 28.60
CA THR A 169 -24.96 -30.47 28.59
C THR A 169 -25.82 -30.04 27.43
N ALA A 170 -26.75 -30.91 27.03
CA ALA A 170 -27.72 -30.54 25.99
C ALA A 170 -28.93 -31.47 26.09
N ASP A 171 -30.03 -31.09 25.46
CA ASP A 171 -31.21 -31.95 25.53
C ASP A 171 -30.94 -33.27 24.83
N GLU A 172 -30.33 -33.23 23.67
CA GLU A 172 -30.08 -34.44 22.85
C GLU A 172 -28.72 -35.06 23.06
N LEU A 173 -28.28 -35.07 24.30
CA LEU A 173 -26.98 -35.56 24.66
C LEU A 173 -27.17 -36.36 25.94
N GLU A 174 -27.08 -37.68 25.81
CA GLU A 174 -27.24 -38.51 26.99
C GLU A 174 -26.11 -38.33 28.03
N LYS A 175 -24.86 -38.38 27.58
CA LYS A 175 -23.67 -38.27 28.42
C LYS A 175 -23.09 -36.84 28.27
N SER A 176 -23.13 -36.04 29.32
CA SER A 176 -22.50 -34.69 29.30
C SER A 176 -20.97 -34.79 29.11
N TYR A 177 -20.36 -33.70 28.65
CA TYR A 177 -18.90 -33.63 28.54
C TYR A 177 -18.38 -32.87 29.73
N THR A 178 -17.29 -33.37 30.33
CA THR A 178 -16.60 -32.66 31.40
C THR A 178 -15.20 -32.40 30.89
N PHE A 179 -14.78 -31.13 30.92
CA PHE A 179 -13.46 -30.70 30.50
C PHE A 179 -12.66 -30.29 31.72
N ASP A 180 -11.46 -30.87 31.86
CA ASP A 180 -10.61 -30.64 33.00
C ASP A 180 -9.77 -29.40 32.78
N TYR A 181 -9.95 -28.42 33.63
CA TYR A 181 -9.27 -27.17 33.56
C TYR A 181 -8.35 -26.96 34.76
N SER A 182 -7.18 -26.40 34.49
CA SER A 182 -6.29 -25.95 35.58
C SER A 182 -5.56 -24.70 35.19
N PHE A 183 -5.13 -23.89 36.13
CA PHE A 183 -4.25 -22.82 35.80
C PHE A 183 -3.37 -22.59 37.01
N GLU A 184 -2.20 -22.06 36.75
CA GLU A 184 -1.30 -21.66 37.84
C GLU A 184 -1.42 -20.13 38.03
N VAL A 185 -1.57 -19.70 39.28
CA VAL A 185 -1.47 -18.30 39.60
C VAL A 185 -0.10 -18.09 40.23
N LEU A 186 0.73 -17.30 39.59
CA LEU A 186 2.04 -16.91 40.11
C LEU A 186 1.91 -15.80 41.12
N ASN A 187 2.83 -15.78 42.10
CA ASN A 187 2.81 -14.82 43.20
C ASN A 187 3.39 -13.46 42.87
N LEU A 188 2.81 -12.82 41.84
CA LEU A 188 3.03 -11.43 41.47
C LEU A 188 1.69 -10.87 41.05
N VAL A 189 1.54 -9.56 41.19
CA VAL A 189 0.26 -8.88 40.94
C VAL A 189 0.28 -8.14 39.59
N GLN A 190 -0.64 -8.50 38.69
CA GLN A 190 -0.85 -7.82 37.45
C GLN A 190 -1.09 -6.32 37.73
N PRO A 191 -0.26 -5.43 37.13
CA PRO A 191 -0.48 -4.02 37.45
C PRO A 191 -1.84 -3.52 36.98
N LEU A 192 -2.40 -2.59 37.73
CA LEU A 192 -3.54 -1.87 37.22
C LEU A 192 -3.09 -1.01 36.04
N PRO A 193 -4.00 -0.77 35.09
CA PRO A 193 -3.52 -0.03 33.90
C PRO A 193 -2.92 1.32 34.25
N SER A 194 -3.53 2.02 35.19
CA SER A 194 -3.00 3.34 35.64
C SER A 194 -1.61 3.28 36.23
N GLU A 195 -1.17 2.10 36.70
CA GLU A 195 0.13 1.96 37.33
C GLU A 195 1.22 1.83 36.28
N THR A 196 0.85 1.56 35.03
CA THR A 196 1.80 1.25 34.02
C THR A 196 2.20 2.44 33.19
N ASN A 197 3.16 2.25 32.29
CA ASN A 197 3.56 3.29 31.34
C ASN A 197 3.09 2.92 29.91
N THR A 198 2.14 2.01 29.78
CA THR A 198 1.62 1.64 28.47
C THR A 198 0.60 2.65 27.98
N GLN A 199 0.78 3.05 26.73
CA GLN A 199 -0.11 3.96 26.03
C GLN A 199 -0.99 3.20 25.06
N ILE A 200 -2.31 3.34 25.22
CA ILE A 200 -3.27 2.81 24.28
C ILE A 200 -4.20 3.91 23.84
N GLU A 201 -4.47 3.99 22.55
CA GLU A 201 -5.39 4.97 22.01
C GLU A 201 -6.25 4.34 20.94
N PHE A 202 -7.56 4.24 21.15
CA PHE A 202 -8.48 3.77 20.10
C PHE A 202 -9.49 4.87 19.85
N TRP A 203 -9.72 5.23 18.59
CA TRP A 203 -10.60 6.36 18.31
C TRP A 203 -12.05 5.98 18.44
N GLN A 204 -12.76 6.81 19.20
CA GLN A 204 -14.20 6.60 19.47
C GLN A 204 -15.03 7.51 18.57
N HIS A 205 -16.26 7.07 18.29
CA HIS A 205 -17.16 7.78 17.38
C HIS A 205 -18.55 7.84 18.02
N PRO A 206 -18.73 8.79 18.98
CA PRO A 206 -19.94 8.75 19.77
C PRO A 206 -21.17 9.13 18.98
N TYR A 207 -20.99 9.80 17.85
CA TYR A 207 -22.16 10.04 16.99
C TYR A 207 -22.65 8.80 16.26
N THR A 208 -21.77 7.80 16.03
CA THR A 208 -22.14 6.54 15.48
C THR A 208 -22.98 5.74 16.44
N ILE A 209 -22.56 5.76 17.71
CA ILE A 209 -23.34 5.14 18.76
C ILE A 209 -24.74 5.77 18.80
N ALA A 210 -24.81 7.08 18.70
CA ALA A 210 -26.14 7.78 18.70
C ALA A 210 -26.94 7.33 17.51
N ARG A 211 -26.33 7.24 16.32
CA ARG A 211 -27.09 6.80 15.16
C ARG A 211 -27.66 5.41 15.35
N TYR A 212 -26.81 4.47 15.81
CA TYR A 212 -27.20 3.12 15.89
C TYR A 212 -28.38 2.92 16.87
N TYR A 213 -28.27 3.58 18.01
CA TYR A 213 -29.30 3.46 19.05
C TYR A 213 -30.42 4.50 18.96
N LYS A 214 -30.54 5.14 17.80
CA LYS A 214 -31.71 6.04 17.53
C LYS A 214 -31.78 7.20 18.48
N ILE A 215 -30.65 7.78 18.84
CA ILE A 215 -30.55 8.97 19.65
C ILE A 215 -30.67 10.16 18.68
N CYS A 216 -31.75 10.91 18.81
CA CYS A 216 -31.95 12.10 17.97
C CYS A 216 -31.03 13.26 18.31
N LYS A 217 -30.91 14.22 17.39
CA LYS A 217 -30.00 15.34 17.52
C LYS A 217 -30.09 16.08 18.84
N GLU A 218 -31.33 16.38 19.25
CA GLU A 218 -31.55 17.10 20.48
C GLU A 218 -31.13 16.34 21.75
N ASP A 219 -30.98 15.00 21.64
CA ASP A 219 -30.54 14.18 22.79
C ASP A 219 -29.04 13.83 22.74
N LEU A 220 -28.31 14.40 21.78
CA LEU A 220 -26.87 14.20 21.71
C LEU A 220 -26.21 14.68 22.96
N PHE A 221 -25.41 13.83 23.60
CA PHE A 221 -24.60 14.12 24.79
C PHE A 221 -25.45 14.46 26.02
N THR A 222 -26.65 13.90 26.02
CA THR A 222 -27.54 13.90 27.21
C THR A 222 -27.42 12.53 27.86
N GLU A 223 -28.10 12.35 29.00
CA GLU A 223 -28.04 11.08 29.67
C GLU A 223 -28.53 9.94 28.80
N LYS A 224 -29.54 10.17 27.94
CA LYS A 224 -30.03 9.14 27.09
C LYS A 224 -28.90 8.60 26.17
N HIS A 225 -28.06 9.50 25.71
CA HIS A 225 -26.90 9.09 24.89
C HIS A 225 -25.83 8.43 25.75
N PHE A 226 -25.58 9.02 26.92
CA PHE A 226 -24.54 8.51 27.81
C PHE A 226 -24.80 7.07 28.23
N LYS A 227 -26.07 6.67 28.40
CA LYS A 227 -26.37 5.27 28.76
C LYS A 227 -25.90 4.21 27.77
N TYR A 228 -25.70 4.64 26.53
CA TYR A 228 -25.17 3.79 25.48
C TYR A 228 -23.65 3.93 25.28
N LEU A 229 -23.04 4.89 25.94
CA LEU A 229 -21.58 5.10 25.88
C LEU A 229 -20.80 4.54 27.07
N ARG A 230 -21.37 4.57 28.27
CA ARG A 230 -20.57 4.32 29.45
C ARG A 230 -19.98 2.91 29.50
N GLY A 231 -20.74 1.89 29.16
CA GLY A 231 -20.25 0.53 29.22
C GLY A 231 -19.00 0.31 28.35
N ASN A 232 -19.08 0.77 27.13
CA ASN A 232 -17.95 0.53 26.19
C ASN A 232 -16.79 1.41 26.56
N LEU A 233 -17.03 2.60 27.11
CA LEU A 233 -15.93 3.45 27.54
C LEU A 233 -15.25 2.90 28.78
N LYS A 234 -16.01 2.29 29.71
CA LYS A 234 -15.38 1.59 30.83
C LYS A 234 -14.55 0.41 30.36
N GLU A 235 -14.99 -0.28 29.32
CA GLU A 235 -14.25 -1.43 28.73
C GLU A 235 -12.91 -0.89 28.24
N TYR A 236 -12.96 0.26 27.56
CA TYR A 236 -11.75 0.93 27.07
C TYR A 236 -10.80 1.32 28.19
N ARG A 237 -11.36 2.00 29.19
CA ARG A 237 -10.57 2.37 30.36
C ARG A 237 -9.92 1.19 31.00
N ASN A 238 -10.67 0.09 31.17
CA ASN A 238 -10.18 -0.99 32.01
C ASN A 238 -9.05 -1.76 31.33
N MET A 239 -8.95 -1.71 30.00
CA MET A 239 -7.87 -2.39 29.28
C MET A 239 -6.68 -1.47 29.10
N GLY A 240 -6.73 -0.22 29.57
CA GLY A 240 -5.57 0.65 29.46
C GLY A 240 -5.76 1.84 28.52
N GLY A 241 -6.98 2.09 28.00
CA GLY A 241 -7.16 3.22 27.05
C GLY A 241 -6.92 4.54 27.73
N ARG A 242 -6.13 5.41 27.13
CA ARG A 242 -5.79 6.72 27.65
C ARG A 242 -6.14 7.87 26.70
N GLY A 243 -6.17 7.60 25.39
CA GLY A 243 -6.36 8.69 24.42
C GLY A 243 -7.80 8.83 24.08
N VAL A 244 -8.25 10.05 24.01
CA VAL A 244 -9.63 10.34 23.66
C VAL A 244 -9.64 11.30 22.49
N ILE A 245 -10.18 10.88 21.36
CA ILE A 245 -10.22 11.76 20.18
C ILE A 245 -11.45 12.67 20.27
N ALA A 246 -11.32 13.88 19.73
CA ALA A 246 -12.42 14.83 19.62
C ALA A 246 -12.21 15.59 18.33
N THR A 247 -13.23 15.63 17.49
CA THR A 247 -13.14 16.38 16.24
C THR A 247 -13.29 17.88 16.50
N ILE A 248 -12.53 18.68 15.79
CA ILE A 248 -12.56 20.12 15.96
C ILE A 248 -12.99 20.84 14.71
N VAL A 249 -13.18 20.14 13.61
CA VAL A 249 -13.80 20.73 12.38
C VAL A 249 -14.76 19.72 11.81
N HIS A 250 -15.62 20.18 10.93
CA HIS A 250 -16.61 19.40 10.32
C HIS A 250 -16.03 18.33 9.34
N GLU A 251 -16.54 17.13 9.42
CA GLU A 251 -16.30 16.09 8.45
C GLU A 251 -14.80 15.94 8.15
N ALA A 252 -14.02 15.74 9.22
CA ALA A 252 -12.59 15.92 9.12
C ALA A 252 -11.89 14.87 8.26
N TRP A 253 -12.55 13.74 8.08
CA TRP A 253 -11.99 12.61 7.31
C TRP A 253 -12.77 12.44 6.02
N ASN A 254 -13.48 13.47 5.56
CA ASN A 254 -14.22 13.43 4.31
C ASN A 254 -15.21 12.29 4.16
N HIS A 255 -15.84 11.97 5.28
CA HIS A 255 -16.90 10.94 5.34
C HIS A 255 -16.39 9.54 4.90
N GLN A 256 -15.14 9.26 5.25
CA GLN A 256 -14.57 7.95 4.91
C GLN A 256 -15.40 6.77 5.48
N SER A 257 -16.06 7.00 6.63
CA SER A 257 -16.78 5.95 7.33
C SER A 257 -18.27 5.91 7.01
N TYR A 258 -18.91 4.83 7.43
CA TYR A 258 -20.33 4.65 7.19
C TYR A 258 -21.15 5.85 7.69
N ASP A 259 -20.85 6.30 8.91
CA ASP A 259 -21.39 7.48 9.47
C ASP A 259 -20.51 8.68 9.22
N SER A 260 -21.13 9.84 9.03
CA SER A 260 -20.45 11.10 9.04
CA SER A 260 -20.41 11.09 9.04
C SER A 260 -19.67 11.31 10.35
N ASP A 261 -18.68 12.18 10.31
CA ASP A 261 -17.99 12.66 11.50
C ASP A 261 -18.36 14.13 11.78
N PRO A 262 -19.38 14.40 12.58
CA PRO A 262 -19.67 15.79 12.97
C PRO A 262 -18.50 16.40 13.75
N SER A 263 -18.36 17.70 13.69
CA SER A 263 -17.48 18.42 14.55
C SER A 263 -18.05 18.54 15.95
N MET A 264 -17.19 18.34 16.95
CA MET A 264 -17.58 18.59 18.35
C MET A 264 -17.48 20.07 18.68
N ILE A 265 -16.92 20.87 17.77
CA ILE A 265 -16.81 22.32 17.93
C ILE A 265 -17.41 22.95 16.72
N LYS A 266 -18.48 23.72 16.91
CA LYS A 266 -19.13 24.36 15.74
C LYS A 266 -18.52 25.71 15.45
N TRP A 267 -18.20 25.96 14.18
CA TRP A 267 -17.60 27.20 13.70
C TRP A 267 -18.64 28.12 13.05
N ARG A 268 -18.60 29.39 13.41
CA ARG A 268 -19.44 30.44 12.75
C ARG A 268 -18.59 31.64 12.46
N LYS A 269 -18.90 32.31 11.34
CA LYS A 269 -18.28 33.58 10.96
C LYS A 269 -19.33 34.67 11.17
N ASN A 270 -18.93 35.69 11.87
CA ASN A 270 -19.86 36.78 12.24
C ASN A 270 -19.69 37.98 11.32
N SER A 271 -20.42 39.07 11.63
CA SER A 271 -20.45 40.26 10.76
C SER A 271 -19.16 41.08 10.82
N TYR A 272 -18.30 40.80 11.80
CA TYR A 272 -16.99 41.40 11.89
C TYR A 272 -15.99 40.70 10.99
N GLY A 273 -16.43 39.58 10.43
CA GLY A 273 -15.64 38.75 9.52
C GLY A 273 -14.73 37.76 10.25
N THR A 274 -14.96 37.57 11.56
CA THR A 274 -14.06 36.76 12.39
C THR A 274 -14.88 35.59 12.97
N PHE A 275 -14.18 34.62 13.54
CA PHE A 275 -14.83 33.38 13.88
C PHE A 275 -15.22 33.25 15.34
N GLU A 276 -16.33 32.54 15.57
CA GLU A 276 -16.81 32.20 16.94
C GLU A 276 -17.01 30.69 16.99
N PHE A 277 -16.92 30.12 18.20
CA PHE A 277 -16.84 28.68 18.38
C PHE A 277 -17.84 28.22 19.46
N ASP A 278 -18.51 27.12 19.22
CA ASP A 278 -19.45 26.50 20.16
C ASP A 278 -18.85 25.17 20.53
N TYR A 279 -18.42 25.10 21.76
CA TYR A 279 -17.77 23.92 22.36
C TYR A 279 -18.73 22.97 23.05
N SER A 280 -20.05 23.11 22.91
N SER A 280 -20.04 23.15 22.91
CA SER A 280 -20.98 22.38 23.79
CA SER A 280 -20.99 22.41 23.71
C SER A 280 -20.94 20.84 23.67
C SER A 280 -20.73 20.91 23.68
N HIS A 281 -20.70 20.30 22.49
CA HIS A 281 -20.55 18.83 22.39
C HIS A 281 -19.18 18.38 22.91
N PHE A 282 -18.14 19.08 22.50
CA PHE A 282 -16.76 18.84 22.97
C PHE A 282 -16.71 18.77 24.48
N ASP A 283 -17.31 19.77 25.15
CA ASP A 283 -17.26 19.81 26.58
C ASP A 283 -17.99 18.65 27.26
N LYS A 284 -19.15 18.28 26.76
N LYS A 284 -19.14 18.27 26.75
CA LYS A 284 -19.91 17.16 27.32
CA LYS A 284 -19.92 17.16 27.33
C LYS A 284 -19.15 15.88 27.15
C LYS A 284 -19.23 15.82 27.11
N TRP A 285 -18.59 15.69 25.96
CA TRP A 285 -17.84 14.45 25.65
C TRP A 285 -16.59 14.31 26.53
N ILE A 286 -15.81 15.38 26.64
CA ILE A 286 -14.64 15.35 27.46
C ILE A 286 -15.03 15.12 28.94
N GLN A 287 -16.00 15.85 29.42
CA GLN A 287 -16.41 15.66 30.82
C GLN A 287 -16.88 14.25 31.11
N LEU A 288 -17.54 13.59 30.17
CA LEU A 288 -17.93 12.23 30.32
C LEU A 288 -16.68 11.36 30.57
N ASN A 289 -15.67 11.56 29.75
CA ASN A 289 -14.46 10.77 29.84
C ASN A 289 -13.68 11.07 31.12
N ILE A 290 -13.79 12.32 31.59
CA ILE A 290 -13.25 12.65 32.91
C ILE A 290 -14.04 11.91 34.04
N ASP A 291 -15.35 11.96 34.00
CA ASP A 291 -16.18 11.32 35.02
C ASP A 291 -15.94 9.80 35.07
N LEU A 292 -15.72 9.18 33.91
CA LEU A 292 -15.39 7.76 33.84
C LEU A 292 -13.96 7.42 34.22
N GLY A 293 -13.07 8.40 34.32
CA GLY A 293 -11.71 8.18 34.74
C GLY A 293 -10.72 7.82 33.63
N ILE A 294 -11.15 7.95 32.39
CA ILE A 294 -10.20 7.82 31.26
C ILE A 294 -9.24 9.00 31.23
N LEU A 295 -9.75 10.20 31.42
CA LEU A 295 -8.94 11.41 31.45
C LEU A 295 -8.89 11.96 32.86
N ASP A 296 -7.76 12.53 33.26
CA ASP A 296 -7.67 13.25 34.52
C ASP A 296 -6.75 14.45 34.38
N PRO A 297 -7.32 15.59 33.95
CA PRO A 297 -6.48 16.73 33.66
C PRO A 297 -5.69 17.24 34.82
N GLU A 298 -6.27 17.21 36.03
CA GLU A 298 -5.49 17.69 37.22
C GLU A 298 -4.28 16.84 37.50
N LYS A 299 -4.36 15.53 37.23
CA LYS A 299 -3.24 14.61 37.45
C LYS A 299 -2.33 14.49 36.23
N GLY A 300 -2.70 15.14 35.14
CA GLY A 300 -1.94 15.00 33.92
C GLY A 300 -2.07 13.63 33.28
N PHE A 301 -3.22 12.99 33.44
CA PHE A 301 -3.43 11.62 32.97
C PHE A 301 -4.36 11.60 31.75
N GLY A 302 -3.96 10.86 30.72
CA GLY A 302 -4.76 10.71 29.49
C GLY A 302 -4.49 11.84 28.55
N GLN A 303 -5.04 11.74 27.36
CA GLN A 303 -4.84 12.75 26.30
C GLN A 303 -6.15 13.05 25.60
N ILE A 304 -6.39 14.35 25.31
CA ILE A 304 -7.45 14.81 24.45
C ILE A 304 -6.77 15.05 23.10
N LYS A 305 -7.11 14.25 22.11
CA LYS A 305 -6.49 14.36 20.78
C LYS A 305 -7.46 15.09 19.90
N CYS A 306 -7.08 16.26 19.42
CA CYS A 306 -8.03 17.14 18.70
C CYS A 306 -7.80 17.08 17.19
N TYR A 307 -8.74 16.51 16.48
CA TYR A 307 -8.55 16.14 15.11
C TYR A 307 -9.34 17.12 14.23
N SER A 308 -8.68 17.95 13.39
CA SER A 308 -7.26 18.08 13.16
C SER A 308 -7.02 19.49 12.59
N ILE A 309 -5.81 19.96 12.78
CA ILE A 309 -5.31 21.20 12.12
C ILE A 309 -5.05 20.95 10.62
N VAL A 310 -4.92 19.69 10.19
CA VAL A 310 -4.83 19.31 8.77
C VAL A 310 -5.92 18.28 8.51
N PRO A 311 -7.19 18.68 8.52
CA PRO A 311 -8.28 17.83 8.12
C PRO A 311 -8.22 17.60 6.61
N TRP A 312 -9.05 16.73 6.10
CA TRP A 312 -9.06 16.39 4.68
C TRP A 312 -9.09 17.62 3.82
N ASN A 313 -8.08 17.71 2.94
CA ASN A 313 -7.93 18.80 1.98
C ASN A 313 -7.97 20.18 2.61
N ASN A 314 -7.56 20.29 3.88
CA ASN A 314 -7.58 21.56 4.62
C ASN A 314 -8.95 22.20 4.70
N ARG A 315 -10.00 21.47 4.49
CA ARG A 315 -11.34 22.01 4.34
C ARG A 315 -11.94 22.36 5.71
N ILE A 316 -12.41 23.61 5.85
CA ILE A 316 -13.11 24.05 7.07
C ILE A 316 -14.45 24.53 6.65
N GLN A 317 -15.50 23.86 7.12
CA GLN A 317 -16.88 24.24 6.92
C GLN A 317 -17.36 25.05 8.09
N TYR A 318 -18.11 26.14 7.83
CA TYR A 318 -18.56 27.02 8.91
C TYR A 318 -19.88 27.63 8.50
N PHE A 319 -20.63 28.13 9.49
CA PHE A 319 -21.89 28.85 9.21
C PHE A 319 -21.57 30.33 9.14
N ASN A 320 -21.92 30.94 8.00
CA ASN A 320 -21.64 32.36 7.80
C ASN A 320 -22.91 33.15 8.17
N GLU A 321 -22.83 33.85 9.28
CA GLU A 321 -23.97 34.60 9.81
C GLU A 321 -24.41 35.68 8.82
N ALA A 322 -23.46 36.29 8.13
CA ALA A 322 -23.77 37.46 7.25
C ALA A 322 -24.58 37.08 6.02
N THR A 323 -24.39 35.87 5.52
CA THR A 323 -25.17 35.37 4.39
C THR A 323 -26.21 34.35 4.81
N ASN A 324 -26.19 33.95 6.08
CA ASN A 324 -27.10 32.93 6.61
C ASN A 324 -27.04 31.54 5.94
N LYS A 325 -25.82 31.12 5.61
CA LYS A 325 -25.60 29.86 4.89
C LYS A 325 -24.28 29.24 5.31
N GLU A 326 -24.19 27.94 5.17
N GLU A 326 -24.20 27.94 5.20
CA GLU A 326 -22.94 27.19 5.28
CA GLU A 326 -22.91 27.23 5.32
C GLU A 326 -21.99 27.56 4.14
C GLU A 326 -22.00 27.59 4.16
N GLU A 327 -20.73 27.78 4.49
CA GLU A 327 -19.65 28.05 3.56
C GLU A 327 -18.46 27.19 3.94
N ALA A 328 -17.52 27.08 3.03
CA ALA A 328 -16.24 26.39 3.31
C ALA A 328 -15.06 27.05 2.68
N ILE A 329 -13.91 26.91 3.33
CA ILE A 329 -12.64 27.37 2.80
C ILE A 329 -11.66 26.21 2.93
N ASN A 330 -10.59 26.25 2.15
N ASN A 330 -10.58 26.28 2.14
CA ASN A 330 -9.55 25.27 2.28
CA ASN A 330 -9.50 25.27 2.08
C ASN A 330 -8.18 25.89 2.10
C ASN A 330 -8.15 25.94 2.05
N PRO A 331 -7.82 26.76 3.04
CA PRO A 331 -6.56 27.50 2.97
C PRO A 331 -5.33 26.59 3.06
N THR A 332 -4.29 26.96 2.33
CA THR A 332 -3.08 26.15 2.27
C THR A 332 -2.25 26.35 3.51
N PRO A 333 -1.83 25.25 4.18
CA PRO A 333 -0.99 25.47 5.34
C PRO A 333 0.22 26.39 5.17
N GLY A 334 0.36 27.33 6.09
CA GLY A 334 1.43 28.32 6.07
C GLY A 334 1.08 29.60 5.33
N SER A 335 -0.03 29.63 4.61
CA SER A 335 -0.46 30.88 3.94
C SER A 335 -0.92 31.90 4.99
N ASP A 336 -0.99 33.16 4.57
CA ASP A 336 -1.40 34.19 5.52
C ASP A 336 -2.81 33.92 6.04
N LEU A 337 -3.71 33.58 5.16
CA LEU A 337 -5.07 33.30 5.47
C LEU A 337 -5.13 32.08 6.44
N TRP A 338 -4.40 31.04 6.12
CA TRP A 338 -4.38 29.85 7.02
C TRP A 338 -3.88 30.22 8.43
N ILE A 339 -2.83 31.00 8.52
CA ILE A 339 -2.30 31.40 9.81
C ILE A 339 -3.37 32.24 10.53
N ASN A 340 -4.05 33.09 9.79
CA ASN A 340 -5.06 33.96 10.42
C ASN A 340 -6.17 33.13 11.07
N ILE A 341 -6.70 32.19 10.30
CA ILE A 341 -7.85 31.39 10.72
C ILE A 341 -7.43 30.46 11.88
N TRP A 342 -6.30 29.76 11.71
CA TRP A 342 -5.89 28.81 12.79
C TRP A 342 -5.42 29.51 14.04
N THR A 343 -4.89 30.75 13.96
CA THR A 343 -4.55 31.51 15.15
C THR A 343 -5.84 31.90 15.91
N GLN A 344 -6.88 32.25 15.17
CA GLN A 344 -8.23 32.50 15.78
C GLN A 344 -8.72 31.27 16.56
N PHE A 345 -8.70 30.12 15.87
CA PHE A 345 -9.17 28.89 16.53
C PHE A 345 -8.29 28.54 17.71
N LEU A 346 -6.97 28.51 17.52
CA LEU A 346 -6.06 28.03 18.58
C LEU A 346 -6.06 28.93 19.81
N THR A 347 -6.14 30.23 19.54
N THR A 347 -6.03 30.25 19.61
CA THR A 347 -6.24 31.19 20.62
CA THR A 347 -6.01 31.10 20.79
C THR A 347 -7.57 31.06 21.39
C THR A 347 -7.34 31.02 21.58
N SER A 348 -8.69 30.96 20.69
N SER A 348 -8.48 30.98 20.88
CA SER A 348 -9.98 30.82 21.38
CA SER A 348 -9.80 30.82 21.55
C SER A 348 -10.12 29.47 22.11
C SER A 348 -9.85 29.50 22.29
N PHE A 349 -9.50 28.44 21.56
CA PHE A 349 -9.61 27.07 22.15
C PHE A 349 -8.72 26.97 23.38
N MET A 350 -7.51 27.53 23.33
CA MET A 350 -6.58 27.51 24.42
C MET A 350 -7.24 28.18 25.63
N SER A 351 -7.83 29.35 25.43
N SER A 351 -7.82 29.36 25.42
CA SER A 351 -8.45 30.06 26.56
CA SER A 351 -8.48 30.11 26.48
C SER A 351 -9.63 29.28 27.13
C SER A 351 -9.61 29.30 27.11
N HIS A 352 -10.41 28.66 26.25
CA HIS A 352 -11.49 27.80 26.68
C HIS A 352 -10.99 26.66 27.58
N LEU A 353 -9.95 26.00 27.12
CA LEU A 353 -9.41 24.86 27.81
C LEU A 353 -8.81 25.27 29.12
N GLU A 354 -8.24 26.47 29.17
CA GLU A 354 -7.63 26.92 30.41
C GLU A 354 -8.76 27.20 31.43
N GLU A 355 -9.88 27.75 30.97
CA GLU A 355 -11.07 27.98 31.82
C GLU A 355 -11.54 26.65 32.45
N LYS A 356 -11.53 25.58 31.65
CA LYS A 356 -11.95 24.27 32.13
C LYS A 356 -10.89 23.54 32.98
N GLY A 357 -9.62 23.87 32.83
CA GLY A 357 -8.53 23.22 33.46
C GLY A 357 -8.03 21.99 32.67
N TRP A 358 -8.30 22.00 31.37
CA TRP A 358 -8.06 20.81 30.49
C TRP A 358 -6.85 21.02 29.55
N PHE A 359 -6.27 22.22 29.52
CA PHE A 359 -5.25 22.52 28.52
C PHE A 359 -4.08 21.61 28.57
N ASN A 360 -3.63 21.27 29.77
CA ASN A 360 -2.36 20.57 29.92
C ASN A 360 -2.32 19.13 29.35
N ILE A 361 -3.50 18.53 29.17
CA ILE A 361 -3.58 17.22 28.52
C ILE A 361 -4.07 17.25 27.10
N THR A 362 -4.17 18.44 26.49
CA THR A 362 -4.72 18.58 25.17
C THR A 362 -3.62 18.64 24.11
N TYR A 363 -3.83 17.87 23.04
CA TYR A 363 -2.93 17.75 21.89
C TYR A 363 -3.70 18.17 20.67
N ILE A 364 -3.07 18.94 19.80
CA ILE A 364 -3.57 19.14 18.46
C ILE A 364 -3.01 18.05 17.54
N SER A 365 -3.90 17.33 16.88
CA SER A 365 -3.49 16.22 16.02
C SER A 365 -3.25 16.73 14.61
N MET A 366 -2.18 16.24 14.02
CA MET A 366 -1.93 16.33 12.59
C MET A 366 -2.28 15.02 11.95
N ASP A 367 -1.68 14.69 10.80
CA ASP A 367 -1.94 13.46 10.12
CA ASP A 367 -1.98 13.48 10.05
C ASP A 367 -0.79 13.30 9.11
N GLU A 368 -0.75 12.20 8.38
N GLU A 368 -0.85 12.23 8.32
CA GLU A 368 0.38 11.91 7.47
CA GLU A 368 0.15 11.94 7.28
C GLU A 368 0.22 12.71 6.16
C GLU A 368 -0.07 12.89 6.17
N ARG A 369 0.72 13.95 6.15
CA ARG A 369 0.53 14.97 5.13
C ARG A 369 1.93 15.35 4.67
N SER A 370 1.99 16.23 3.69
N SER A 370 1.99 16.23 3.68
CA SER A 370 3.32 16.69 3.23
CA SER A 370 3.29 16.76 3.20
C SER A 370 4.11 17.29 4.34
C SER A 370 4.11 17.30 4.33
N MET A 371 5.43 17.10 4.27
CA MET A 371 6.30 17.66 5.27
C MET A 371 6.17 19.20 5.32
N ASP A 372 5.89 19.82 4.17
CA ASP A 372 5.72 21.26 4.16
C ASP A 372 4.51 21.65 4.99
N ASP A 373 3.43 20.90 4.86
CA ASP A 373 2.22 21.20 5.67
C ASP A 373 2.48 20.93 7.15
N LEU A 374 3.18 19.84 7.45
CA LEU A 374 3.44 19.52 8.85
C LEU A 374 4.32 20.56 9.53
N LYS A 375 5.33 21.05 8.83
CA LYS A 375 6.18 22.08 9.33
C LYS A 375 5.43 23.39 9.56
N ALA A 376 4.47 23.72 8.71
CA ALA A 376 3.65 24.93 8.88
C ALA A 376 2.84 24.77 10.16
N CYS A 377 2.37 23.55 10.43
CA CYS A 377 1.52 23.34 11.62
C CYS A 377 2.34 23.47 12.87
N VAL A 378 3.49 22.82 12.94
CA VAL A 378 4.35 22.89 14.08
C VAL A 378 4.86 24.30 14.35
N ASP A 379 5.21 25.00 13.27
CA ASP A 379 5.65 26.39 13.41
C ASP A 379 4.53 27.25 14.05
N LEU A 380 3.32 27.13 13.55
CA LEU A 380 2.18 27.91 14.06
C LEU A 380 1.88 27.51 15.52
N ILE A 381 1.80 26.22 15.82
CA ILE A 381 1.45 25.81 17.20
C ILE A 381 2.50 26.23 18.19
N GLU A 382 3.80 26.19 17.85
CA GLU A 382 4.84 26.63 18.76
C GLU A 382 4.80 28.13 19.05
N ASN A 383 4.22 28.88 18.12
CA ASN A 383 4.16 30.36 18.20
C ASN A 383 3.07 30.80 19.21
N ILE A 384 2.00 30.00 19.39
CA ILE A 384 0.84 30.41 20.21
C ILE A 384 0.96 29.86 21.61
N THR A 385 1.17 30.74 22.59
CA THR A 385 1.44 30.33 23.92
C THR A 385 0.43 30.97 24.87
N ASN A 386 0.29 30.30 26.00
CA ASN A 386 -0.58 30.84 27.04
C ASN A 386 0.24 31.83 27.84
N ASN A 387 -0.36 32.39 28.89
CA ASN A 387 0.37 33.32 29.80
C ASN A 387 1.50 32.69 30.61
N SER A 388 1.55 31.35 30.65
CA SER A 388 2.70 30.63 31.19
C SER A 388 3.74 30.03 30.20
N TYR A 389 3.79 30.57 29.00
CA TYR A 389 4.79 30.21 27.97
C TYR A 389 4.68 28.76 27.52
N GLU A 390 3.48 28.18 27.61
CA GLU A 390 3.26 26.82 27.11
C GLU A 390 2.44 26.89 25.86
N HIS A 391 2.85 26.10 24.85
CA HIS A 391 2.03 25.89 23.67
C HIS A 391 1.31 24.55 23.70
N PHE A 392 0.34 24.39 22.83
CA PHE A 392 -0.39 23.10 22.68
C PHE A 392 0.64 22.01 22.46
N LYS A 393 0.38 20.84 23.05
CA LYS A 393 1.04 19.60 22.65
C LYS A 393 0.55 19.21 21.26
N ILE A 394 1.38 18.41 20.57
CA ILE A 394 1.12 18.01 19.20
C ILE A 394 1.20 16.48 19.12
N SER A 395 0.25 15.91 18.37
CA SER A 395 0.17 14.49 18.11
C SER A 395 0.07 14.24 16.64
N SER A 396 0.74 13.17 16.15
CA SER A 396 0.54 12.80 14.73
C SER A 396 0.96 11.37 14.42
N ALA A 397 0.23 10.80 13.49
CA ALA A 397 0.74 9.67 12.71
C ALA A 397 1.91 10.23 11.90
N MET A 398 3.00 9.45 11.80
CA MET A 398 4.14 9.82 11.00
C MET A 398 4.64 8.63 10.20
N ASP A 399 5.28 8.92 9.07
N ASP A 399 5.14 8.82 8.99
CA ASP A 399 5.74 7.87 8.15
CA ASP A 399 5.68 7.66 8.25
C ASP A 399 7.19 7.46 8.32
C ASP A 399 7.19 7.67 8.33
N TYR A 400 7.67 7.54 9.56
CA TYR A 400 9.07 7.33 9.82
C TYR A 400 9.47 5.91 9.43
N GLU A 401 10.56 5.80 8.64
CA GLU A 401 11.11 4.53 8.22
C GLU A 401 12.59 4.35 8.56
N SER A 402 13.41 5.40 8.49
CA SER A 402 14.86 5.23 8.67
C SER A 402 15.54 6.54 8.95
N GLY A 403 16.72 6.44 9.51
CA GLY A 403 17.59 7.56 9.69
C GLY A 403 17.57 8.04 11.12
N ASN A 404 18.51 8.94 11.33
N ASN A 404 18.58 8.82 11.54
CA ASN A 404 18.99 9.26 12.61
CA ASN A 404 18.60 9.31 12.93
C ASN A 404 18.66 10.77 12.91
C ASN A 404 18.46 10.83 13.05
N ASP A 405 17.87 11.45 12.06
CA ASP A 405 17.59 12.90 12.20
C ASP A 405 16.25 12.99 12.95
N TYR A 406 16.33 13.29 14.23
CA TYR A 406 15.08 13.41 15.05
C TYR A 406 14.64 14.84 15.33
N SER A 407 15.28 15.82 14.66
CA SER A 407 14.99 17.23 14.92
C SER A 407 13.52 17.62 14.84
N PHE A 408 12.87 17.21 13.77
CA PHE A 408 11.47 17.52 13.56
C PHE A 408 10.59 16.66 14.48
N LEU A 409 10.87 15.35 14.53
CA LEU A 409 10.03 14.45 15.33
C LEU A 409 10.05 14.84 16.81
N ASP A 410 11.16 15.39 17.29
CA ASP A 410 11.24 15.81 18.67
C ASP A 410 10.31 16.96 19.01
N ARG A 411 9.74 17.64 18.00
CA ARG A 411 8.84 18.75 18.23
C ARG A 411 7.41 18.26 18.35
N ILE A 412 7.19 16.93 18.24
CA ILE A 412 5.84 16.36 18.25
C ILE A 412 5.81 15.48 19.48
N ASP A 413 4.84 15.73 20.37
CA ASP A 413 4.82 15.08 21.66
C ASP A 413 4.35 13.65 21.66
N ASP A 414 3.54 13.28 20.68
CA ASP A 414 3.08 11.88 20.56
C ASP A 414 3.01 11.53 19.09
N ILE A 415 3.70 10.47 18.66
CA ILE A 415 3.61 9.99 17.26
C ILE A 415 3.25 8.52 17.22
N SER A 416 2.62 8.15 16.12
CA SER A 416 2.24 6.75 15.93
C SER A 416 2.77 6.36 14.55
N ILE A 417 3.47 5.24 14.47
CA ILE A 417 4.06 4.75 13.25
C ILE A 417 3.30 3.51 12.77
N GLY A 418 2.84 3.50 11.54
CA GLY A 418 2.19 2.32 11.02
C GLY A 418 3.09 1.13 10.79
N LEU A 419 2.56 -0.05 11.07
CA LEU A 419 3.32 -1.29 10.92
C LEU A 419 3.94 -1.41 9.54
N SER A 420 3.22 -1.05 8.51
CA SER A 420 3.76 -1.22 7.15
C SER A 420 4.99 -0.36 6.90
N HIS A 421 5.22 0.70 7.65
CA HIS A 421 6.45 1.52 7.52
C HIS A 421 7.64 1.01 8.30
N ILE A 422 7.48 0.02 9.17
CA ILE A 422 8.52 -0.41 10.06
C ILE A 422 9.32 -1.53 9.40
N ASN A 423 10.61 -1.28 9.26
CA ASN A 423 11.55 -2.27 8.75
C ASN A 423 12.05 -3.16 9.88
N HIS A 424 11.64 -4.41 9.87
CA HIS A 424 12.04 -5.38 10.87
C HIS A 424 13.53 -5.68 10.92
N ASN A 425 14.20 -5.66 9.78
N ASN A 425 14.19 -5.63 9.76
CA ASN A 425 15.63 -5.96 9.80
CA ASN A 425 15.64 -5.95 9.66
C ASN A 425 16.49 -4.72 9.89
C ASN A 425 16.58 -4.90 10.24
N SER A 426 16.05 -3.76 10.69
CA SER A 426 16.85 -2.58 11.05
C SER A 426 16.55 -2.22 12.50
N ASP A 427 17.42 -1.55 13.20
CA ASP A 427 17.15 -0.99 14.51
C ASP A 427 16.76 0.49 14.48
N ASP A 428 16.56 1.05 13.32
CA ASP A 428 16.25 2.49 13.20
C ASP A 428 14.97 2.87 13.98
N MET A 429 13.91 2.05 13.85
CA MET A 429 12.69 2.37 14.63
C MET A 429 12.91 2.36 16.14
N LYS A 430 13.57 1.29 16.61
N LYS A 430 13.58 1.31 16.61
CA LYS A 430 13.87 1.18 18.02
CA LYS A 430 13.85 1.17 18.01
C LYS A 430 14.73 2.34 18.50
C LYS A 430 14.79 2.26 18.55
N ASN A 431 15.77 2.66 17.74
CA ASN A 431 16.59 3.78 18.12
C ASN A 431 15.83 5.10 18.17
N MET A 432 14.92 5.29 17.22
CA MET A 432 14.11 6.50 17.17
C MET A 432 13.19 6.52 18.43
N ALA A 433 12.56 5.39 18.74
CA ALA A 433 11.66 5.36 19.89
C ALA A 433 12.39 5.48 21.19
N THR A 434 13.60 4.92 21.25
CA THR A 434 14.41 5.01 22.50
C THR A 434 14.77 6.47 22.81
N HIS A 435 15.14 7.21 21.77
CA HIS A 435 15.43 8.64 21.91
C HIS A 435 14.23 9.38 22.48
N ARG A 436 13.02 9.03 21.99
CA ARG A 436 11.79 9.64 22.48
C ARG A 436 11.49 9.25 23.91
N GLN A 437 11.70 7.98 24.26
CA GLN A 437 11.50 7.52 25.67
C GLN A 437 12.39 8.37 26.61
N GLU A 438 13.63 8.57 26.18
CA GLU A 438 14.57 9.38 26.99
C GLU A 438 14.13 10.83 27.18
N LEU A 439 13.42 11.42 26.23
CA LEU A 439 12.90 12.78 26.31
C LEU A 439 11.51 12.87 26.92
N GLY A 440 10.97 11.73 27.33
CA GLY A 440 9.63 11.67 27.94
C GLY A 440 8.50 11.90 26.94
N LEU A 441 8.76 11.68 25.64
CA LEU A 441 7.74 11.82 24.61
C LEU A 441 7.04 10.47 24.42
N LEU A 442 5.89 10.47 23.79
CA LEU A 442 5.08 9.27 23.55
C LEU A 442 5.28 8.75 22.14
N THR A 443 5.36 7.43 22.04
CA THR A 443 5.46 6.77 20.77
C THR A 443 4.60 5.53 20.78
N THR A 444 3.88 5.30 19.70
CA THR A 444 3.12 4.04 19.52
C THR A 444 3.34 3.51 18.12
N ILE A 445 2.90 2.29 17.90
CA ILE A 445 2.67 1.77 16.55
C ILE A 445 1.18 1.65 16.30
N TYR A 446 0.81 1.59 15.06
CA TYR A 446 -0.61 1.30 14.69
C TYR A 446 -0.73 0.29 13.58
N THR A 447 -1.90 -0.32 13.44
CA THR A 447 -2.27 -1.12 12.26
C THR A 447 -3.51 -0.53 11.65
N CYS A 448 -3.71 -0.78 10.38
CA CYS A 448 -4.85 -0.27 9.64
C CYS A 448 -5.09 -1.15 8.44
N THR A 449 -5.93 -0.71 7.52
CA THR A 449 -6.14 -1.47 6.29
C THR A 449 -4.81 -1.82 5.65
N GLY A 450 -4.74 -3.04 5.10
CA GLY A 450 -3.52 -3.49 4.36
C GLY A 450 -2.42 -4.03 5.22
N ASP A 451 -2.53 -3.93 6.55
CA ASP A 451 -1.45 -4.46 7.43
C ASP A 451 -1.69 -5.91 7.72
N TYR A 452 -0.58 -6.59 7.99
CA TYR A 452 -0.58 -7.93 8.55
C TYR A 452 0.65 -8.07 9.42
N PRO A 453 0.57 -8.53 10.67
CA PRO A 453 -0.71 -8.82 11.37
C PRO A 453 -1.61 -7.60 11.55
N SER A 454 -2.88 -7.86 11.78
CA SER A 454 -3.85 -6.77 12.01
C SER A 454 -4.99 -7.27 12.89
N SER A 455 -6.08 -6.48 12.91
CA SER A 455 -7.23 -6.73 13.78
C SER A 455 -8.54 -6.61 13.00
N PHE A 456 -8.70 -7.41 11.98
CA PHE A 456 -9.88 -7.45 11.14
C PHE A 456 -10.75 -8.66 11.56
N THR A 457 -11.99 -8.66 11.15
CA THR A 457 -12.88 -9.81 11.33
C THR A 457 -12.25 -11.13 10.84
N ILE A 458 -11.57 -11.05 9.70
CA ILE A 458 -10.96 -12.21 9.09
C ILE A 458 -9.59 -12.60 9.63
N SER A 459 -9.02 -11.77 10.48
CA SER A 459 -7.69 -12.03 11.07
C SER A 459 -7.77 -13.19 12.01
N ASP A 460 -6.67 -13.89 12.19
CA ASP A 460 -6.54 -14.73 13.40
C ASP A 460 -6.51 -13.80 14.60
N PRO A 461 -7.37 -14.04 15.61
CA PRO A 461 -7.29 -13.19 16.82
C PRO A 461 -5.89 -13.03 17.40
N SER A 462 -5.09 -14.11 17.32
CA SER A 462 -3.70 -14.11 17.78
C SER A 462 -2.87 -12.88 17.30
N GLU A 463 -3.25 -12.39 16.13
CA GLU A 463 -2.51 -11.28 15.53
C GLU A 463 -2.51 -10.07 16.42
N GLY A 464 -3.57 -9.89 17.22
CA GLY A 464 -3.58 -8.73 18.15
C GLY A 464 -2.56 -8.85 19.26
N ALA A 465 -2.42 -10.06 19.82
CA ALA A 465 -1.38 -10.26 20.82
C ALA A 465 -0.01 -10.00 20.22
N PHE A 466 0.24 -10.52 19.03
CA PHE A 466 1.50 -10.24 18.35
C PHE A 466 1.75 -8.76 18.15
N THR A 467 0.71 -8.03 17.74
CA THR A 467 0.80 -6.58 17.51
C THR A 467 1.31 -5.87 18.76
N ILE A 468 0.73 -6.18 19.90
CA ILE A 468 1.10 -5.52 21.12
C ILE A 468 2.55 -5.87 21.50
N TRP A 469 2.94 -7.14 21.38
CA TRP A 469 4.37 -7.49 21.61
C TRP A 469 5.27 -6.76 20.68
N TYR A 470 4.83 -6.57 19.43
CA TYR A 470 5.63 -5.78 18.47
C TYR A 470 5.87 -4.36 18.94
N SER A 471 4.90 -3.75 19.62
CA SER A 471 5.08 -2.42 20.13
C SER A 471 6.21 -2.34 21.18
N LEU A 472 6.40 -3.39 21.94
CA LEU A 472 7.48 -3.46 22.96
C LEU A 472 8.81 -3.85 22.32
N TYR A 473 8.76 -4.72 21.33
CA TYR A 473 9.94 -5.03 20.47
C TYR A 473 10.58 -3.75 19.91
N GLN A 474 9.75 -2.78 19.53
CA GLN A 474 10.21 -1.50 18.99
C GLN A 474 10.52 -0.44 20.03
N ASN A 475 10.45 -0.80 21.33
CA ASN A 475 10.67 0.10 22.43
C ASN A 475 9.77 1.32 22.37
N THR A 476 8.53 1.11 21.87
CA THR A 476 7.52 2.16 21.97
C THR A 476 6.67 1.99 23.26
N ASN A 477 5.80 2.97 23.48
CA ASN A 477 4.93 2.95 24.66
C ASN A 477 3.66 2.06 24.49
N GLY A 478 3.31 1.71 23.26
CA GLY A 478 2.07 0.92 23.04
C GLY A 478 1.52 1.04 21.67
N PHE A 479 0.17 1.12 21.65
CA PHE A 479 -0.58 0.86 20.46
C PHE A 479 -1.71 1.86 20.24
N LEU A 480 -1.90 2.22 18.97
CA LEU A 480 -2.99 3.08 18.56
C LEU A 480 -3.75 2.37 17.46
N ARG A 481 -5.07 2.53 17.44
CA ARG A 481 -5.87 2.17 16.30
C ARG A 481 -7.04 3.13 16.13
N TRP A 482 -7.42 3.34 14.89
CA TRP A 482 -8.47 4.31 14.57
C TRP A 482 -9.89 3.78 14.84
N SER A 483 -10.03 2.58 15.41
CA SER A 483 -11.22 1.79 15.15
C SER A 483 -11.87 1.17 16.41
N TRP A 484 -12.29 1.99 17.35
CA TRP A 484 -13.01 1.40 18.48
C TRP A 484 -14.38 0.89 18.04
N ASP A 485 -15.14 1.72 17.31
CA ASP A 485 -16.62 1.56 17.26
C ASP A 485 -17.21 2.14 15.98
N GLY A 486 -16.51 2.07 14.86
CA GLY A 486 -17.00 2.60 13.58
C GLY A 486 -17.96 1.70 12.86
N TRP A 487 -19.11 1.44 13.50
CA TRP A 487 -20.09 0.46 13.02
C TRP A 487 -20.70 0.80 11.65
N VAL A 488 -21.01 -0.23 10.91
CA VAL A 488 -21.81 -0.12 9.69
C VAL A 488 -23.29 -0.18 10.13
N GLU A 489 -24.22 -0.44 9.20
N GLU A 489 -24.22 -0.43 9.20
CA GLU A 489 -25.63 -0.33 9.55
CA GLU A 489 -25.61 -0.31 9.59
C GLU A 489 -26.03 -1.35 10.61
C GLU A 489 -26.03 -1.35 10.63
N ASN A 490 -25.70 -2.62 10.37
CA ASN A 490 -26.14 -3.72 11.21
CA ASN A 490 -26.17 -3.74 11.17
C ASN A 490 -25.02 -4.76 11.31
N PRO A 491 -23.95 -4.38 12.00
CA PRO A 491 -22.77 -5.27 12.05
C PRO A 491 -22.99 -6.63 12.68
N LEU A 492 -24.00 -6.77 13.56
CA LEU A 492 -24.32 -8.08 14.10
C LEU A 492 -24.72 -9.08 13.09
N GLU A 493 -25.20 -8.61 11.94
CA GLU A 493 -25.57 -9.49 10.85
CA GLU A 493 -25.58 -9.47 10.81
C GLU A 493 -24.62 -9.44 9.63
N ASN A 494 -24.03 -8.30 9.34
CA ASN A 494 -23.13 -8.19 8.19
C ASN A 494 -22.23 -7.00 8.45
N VAL A 495 -20.91 -7.25 8.48
CA VAL A 495 -19.94 -6.17 8.78
C VAL A 495 -19.42 -5.48 7.53
N SER A 496 -19.83 -5.94 6.35
CA SER A 496 -19.21 -5.47 5.12
C SER A 496 -19.35 -3.98 4.89
N TYR A 497 -18.29 -3.32 4.43
CA TYR A 497 -18.27 -1.89 4.15
C TYR A 497 -17.58 -1.68 2.81
N LYS A 498 -17.85 -0.55 2.16
CA LYS A 498 -17.28 -0.28 0.84
C LYS A 498 -15.78 -0.15 0.80
N TYR A 499 -15.14 0.13 1.93
CA TYR A 499 -13.68 0.26 2.01
C TYR A 499 -13.15 -0.70 3.07
N TRP A 500 -11.96 -1.19 2.83
CA TRP A 500 -11.11 -1.88 3.85
C TRP A 500 -11.51 -3.32 4.09
N GLU A 501 -10.60 -4.04 4.73
CA GLU A 501 -10.89 -5.38 5.14
C GLU A 501 -12.04 -5.38 6.13
N PRO A 502 -12.81 -6.47 6.19
CA PRO A 502 -13.99 -6.45 7.05
C PRO A 502 -13.64 -6.31 8.51
N GLY A 503 -14.42 -5.50 9.21
CA GLY A 503 -14.15 -5.27 10.64
C GLY A 503 -13.08 -4.26 10.93
N ASP A 504 -12.34 -3.77 9.94
CA ASP A 504 -11.35 -2.77 10.18
C ASP A 504 -11.82 -1.59 11.01
N PRO A 505 -13.06 -1.09 10.80
CA PRO A 505 -13.40 0.10 11.56
C PRO A 505 -13.89 -0.06 13.00
N PHE A 506 -14.03 -1.27 13.48
CA PHE A 506 -14.54 -1.45 14.87
C PHE A 506 -13.98 -2.67 15.58
N LEU A 507 -13.55 -2.52 16.83
CA LEU A 507 -13.06 -3.62 17.66
C LEU A 507 -14.13 -4.17 18.57
N ILE A 508 -15.20 -3.39 18.81
CA ILE A 508 -16.36 -3.83 19.52
C ILE A 508 -17.58 -3.82 18.61
N TYR A 509 -18.60 -4.64 18.95
CA TYR A 509 -19.91 -4.62 18.30
C TYR A 509 -20.88 -3.85 19.18
N PRO A 510 -21.89 -3.26 18.54
CA PRO A 510 -23.04 -2.83 19.34
C PRO A 510 -23.78 -4.08 19.84
N ALA A 511 -24.66 -3.81 20.83
CA ALA A 511 -25.67 -4.80 21.16
C ALA A 511 -26.80 -4.72 20.16
N GLU A 512 -27.81 -5.58 20.34
CA GLU A 512 -28.98 -5.51 19.50
C GLU A 512 -29.65 -4.14 19.67
N LYS A 513 -30.29 -3.64 18.62
N LYS A 513 -30.29 -3.69 18.60
CA LYS A 513 -30.80 -2.27 18.68
CA LYS A 513 -30.86 -2.36 18.55
C LYS A 513 -31.85 -2.10 19.79
C LYS A 513 -31.84 -2.12 19.72
N ASP A 514 -32.66 -3.12 19.99
CA ASP A 514 -33.60 -3.11 21.13
C ASP A 514 -33.10 -3.74 22.43
N SER A 515 -31.78 -3.91 22.61
CA SER A 515 -31.26 -4.49 23.86
C SER A 515 -31.78 -3.75 25.09
N ILE A 516 -32.11 -4.52 26.13
CA ILE A 516 -32.36 -4.03 27.47
C ILE A 516 -31.24 -4.76 28.19
N GLY A 517 -30.20 -4.05 28.41
CA GLY A 517 -29.13 -4.52 29.21
C GLY A 517 -27.79 -4.14 28.57
N LYS A 518 -27.21 -5.08 27.84
CA LYS A 518 -25.92 -4.83 27.21
C LYS A 518 -26.00 -3.75 26.16
N THR A 519 -24.91 -3.01 26.06
CA THR A 519 -24.78 -1.96 25.04
C THR A 519 -23.63 -2.16 24.05
N PHE A 520 -22.92 -3.24 24.24
CA PHE A 520 -21.83 -3.63 23.31
C PHE A 520 -21.49 -5.09 23.55
N TYR A 521 -20.75 -5.66 22.60
CA TYR A 521 -20.16 -6.97 22.70
C TYR A 521 -18.69 -6.86 22.31
N SER A 522 -17.87 -7.61 23.05
CA SER A 522 -16.45 -7.67 22.70
C SER A 522 -16.26 -8.68 21.58
N THR A 523 -15.01 -8.82 21.13
CA THR A 523 -14.57 -9.66 20.03
C THR A 523 -13.31 -10.43 20.44
N PRO A 524 -13.12 -11.62 19.85
CA PRO A 524 -11.83 -12.33 20.13
C PRO A 524 -10.61 -11.48 19.78
N ARG A 525 -10.65 -10.77 18.65
CA ARG A 525 -9.53 -9.92 18.29
C ARG A 525 -9.26 -8.84 19.32
N LEU A 526 -10.30 -8.24 19.89
CA LEU A 526 -10.07 -7.27 20.97
C LEU A 526 -9.49 -7.95 22.22
N GLU A 527 -10.04 -9.12 22.57
CA GLU A 527 -9.58 -9.82 23.75
C GLU A 527 -8.11 -10.19 23.60
N LYS A 528 -7.66 -10.44 22.38
CA LYS A 528 -6.23 -10.76 22.18
C LYS A 528 -5.35 -9.50 22.27
N LEU A 529 -5.84 -8.33 21.87
CA LEU A 529 -5.14 -7.08 22.21
C LEU A 529 -5.01 -6.93 23.72
N LYS A 530 -6.11 -7.19 24.45
CA LYS A 530 -6.08 -7.06 25.90
C LYS A 530 -5.03 -8.03 26.50
N GLU A 531 -4.99 -9.27 26.01
CA GLU A 531 -4.00 -10.29 26.45
CA GLU A 531 -4.01 -10.25 26.48
C GLU A 531 -2.59 -9.73 26.22
N GLY A 532 -2.35 -9.22 25.03
CA GLY A 532 -1.03 -8.65 24.72
C GLY A 532 -0.67 -7.54 25.65
N ILE A 533 -1.61 -6.65 25.94
CA ILE A 533 -1.35 -5.51 26.81
C ILE A 533 -1.03 -5.99 28.22
N ARG A 534 -1.84 -6.89 28.75
CA ARG A 534 -1.49 -7.44 30.10
C ARG A 534 -0.10 -8.06 30.08
N ASP A 535 0.24 -8.75 28.99
CA ASP A 535 1.49 -9.50 29.00
C ASP A 535 2.71 -8.60 28.78
N ILE A 536 2.63 -7.58 27.95
CA ILE A 536 3.73 -6.60 27.90
C ILE A 536 3.83 -5.86 29.22
N ASN A 537 2.72 -5.65 29.93
CA ASN A 537 2.79 -4.98 31.22
C ASN A 537 3.53 -5.84 32.22
N LYS A 538 3.41 -7.15 32.13
CA LYS A 538 4.23 -8.10 32.96
C LYS A 538 5.69 -7.89 32.67
N ALA A 539 6.01 -7.83 31.37
CA ALA A 539 7.42 -7.63 30.96
C ALA A 539 7.94 -6.32 31.50
N LYS A 540 7.19 -5.23 31.33
CA LYS A 540 7.59 -3.93 31.84
C LYS A 540 7.75 -3.87 33.34
N TYR A 541 6.84 -4.50 34.06
CA TYR A 541 6.95 -4.63 35.52
C TYR A 541 8.27 -5.30 35.90
N LEU A 542 8.58 -6.46 35.31
CA LEU A 542 9.83 -7.13 35.62
C LEU A 542 11.05 -6.35 35.21
N MET A 543 11.05 -5.66 34.10
CA MET A 543 12.22 -4.83 33.71
C MET A 543 12.46 -3.71 34.75
N GLU A 544 11.41 -3.19 35.34
CA GLU A 544 11.55 -2.16 36.37
C GLU A 544 11.96 -2.75 37.71
N LYS A 545 11.31 -3.82 38.14
CA LYS A 545 11.46 -4.37 39.51
C LYS A 545 12.65 -5.31 39.69
N ALA A 546 13.13 -5.92 38.60
CA ALA A 546 14.14 -6.97 38.64
C ALA A 546 15.42 -6.60 37.85
N PRO A 547 16.26 -5.74 38.41
CA PRO A 547 17.50 -5.36 37.71
C PRO A 547 18.47 -6.44 37.19
N ASN A 548 18.69 -7.50 37.92
N ASN A 548 18.74 -7.51 37.92
CA ASN A 548 19.52 -8.61 37.42
CA ASN A 548 19.57 -8.59 37.34
C ASN A 548 18.87 -9.37 36.23
C ASN A 548 18.84 -9.46 36.28
N LEU A 549 17.57 -9.13 35.96
CA LEU A 549 16.86 -9.77 34.84
C LEU A 549 16.57 -8.87 33.63
N LYS A 550 16.68 -7.58 33.76
CA LYS A 550 16.26 -6.66 32.74
C LYS A 550 16.92 -6.95 31.39
N ASN A 551 18.24 -7.09 31.36
CA ASN A 551 18.91 -7.28 30.07
C ASN A 551 18.47 -8.58 29.40
N SER A 552 18.33 -9.64 30.18
CA SER A 552 17.89 -10.92 29.68
C SER A 552 16.44 -10.85 29.13
N ILE A 553 15.60 -10.10 29.85
CA ILE A 553 14.21 -9.88 29.37
C ILE A 553 14.24 -9.13 28.03
N GLU A 554 15.00 -8.06 27.97
CA GLU A 554 15.15 -7.27 26.70
C GLU A 554 15.62 -8.19 25.56
N ASN A 555 16.60 -9.03 25.83
CA ASN A 555 17.09 -9.87 24.76
C ASN A 555 16.03 -10.89 24.31
N LEU A 556 15.24 -11.44 25.24
CA LEU A 556 14.12 -12.32 24.84
C LEU A 556 13.17 -11.52 23.90
N ILE A 557 12.76 -10.35 24.33
CA ILE A 557 11.80 -9.56 23.49
C ILE A 557 12.43 -9.26 22.12
N TYR A 558 13.71 -8.95 22.12
CA TYR A 558 14.41 -8.61 20.88
C TYR A 558 14.65 -9.78 19.93
N SER A 559 14.32 -10.99 20.33
CA SER A 559 14.40 -12.14 19.50
C SER A 559 13.15 -12.35 18.68
N LEU A 560 12.12 -11.50 18.89
CA LEU A 560 10.84 -11.69 18.22
C LEU A 560 11.02 -11.71 16.67
N LYS A 561 10.38 -12.65 16.03
N LYS A 561 10.39 -12.68 16.02
CA LYS A 561 10.38 -12.80 14.59
CA LYS A 561 10.39 -12.79 14.56
C LYS A 561 9.14 -12.06 14.07
C LYS A 561 9.06 -12.33 13.97
N ARG A 562 9.17 -11.65 12.82
CA ARG A 562 7.98 -11.03 12.18
C ARG A 562 7.52 -11.79 10.96
N PRO A 563 6.26 -12.14 10.89
CA PRO A 563 5.77 -12.82 9.71
C PRO A 563 5.65 -11.89 8.49
N ASN A 564 5.82 -12.50 7.32
CA ASN A 564 5.64 -11.82 6.04
C ASN A 564 4.16 -11.82 5.70
N LYS A 565 3.78 -10.83 4.90
CA LYS A 565 2.42 -10.69 4.47
C LYS A 565 2.19 -10.87 3.03
N GLY A 566 0.95 -11.20 2.75
CA GLY A 566 0.48 -11.29 1.38
C GLY A 566 -0.96 -10.83 1.29
N GLU A 567 -1.68 -11.35 0.30
CA GLU A 567 -3.09 -10.92 0.03
C GLU A 567 -3.91 -12.07 -0.44
N ASN A 568 -5.17 -12.13 -0.04
CA ASN A 568 -6.10 -13.06 -0.61
C ASN A 568 -6.51 -12.60 -2.05
N ALA A 569 -7.42 -13.36 -2.67
CA ALA A 569 -7.79 -13.10 -4.09
C ALA A 569 -8.66 -11.88 -4.27
N TYR A 570 -9.05 -11.32 -3.15
CA TYR A 570 -10.05 -10.26 -3.13
C TYR A 570 -9.53 -8.95 -2.51
N GLY A 571 -8.21 -8.86 -2.32
CA GLY A 571 -7.56 -7.64 -1.97
C GLY A 571 -7.25 -7.43 -0.51
N SER A 572 -7.56 -8.44 0.34
CA SER A 572 -7.36 -8.30 1.78
C SER A 572 -5.96 -8.78 2.16
N ALA A 573 -5.33 -8.06 3.09
CA ALA A 573 -4.07 -8.47 3.62
C ALA A 573 -4.21 -9.72 4.53
N VAL A 574 -3.34 -10.68 4.32
CA VAL A 574 -3.30 -12.00 5.03
C VAL A 574 -1.86 -12.44 5.18
N ALA A 575 -1.59 -13.54 5.93
CA ALA A 575 -0.22 -14.07 5.98
C ALA A 575 0.39 -14.49 4.61
N ALA A 576 1.70 -14.37 4.43
CA ALA A 576 2.34 -14.73 3.14
C ALA A 576 2.43 -16.24 2.92
N SER A 577 2.17 -17.02 3.96
CA SER A 577 2.31 -18.50 3.91
C SER A 577 1.79 -19.13 5.19
N LYS A 578 1.65 -20.44 5.19
CA LYS A 578 1.24 -21.16 6.38
C LYS A 578 2.30 -21.02 7.50
N GLU A 579 3.57 -21.02 7.13
CA GLU A 579 4.68 -20.85 8.06
C GLU A 579 4.59 -19.46 8.74
N ASP A 580 4.32 -18.43 7.95
CA ASP A 580 4.18 -17.07 8.49
C ASP A 580 2.97 -17.02 9.44
N ARG A 581 1.85 -17.60 9.03
CA ARG A 581 0.68 -17.68 9.85
C ARG A 581 0.92 -18.34 11.19
N ASP A 582 1.63 -19.47 11.20
CA ASP A 582 1.87 -20.18 12.47
C ASP A 582 2.90 -19.41 13.37
N LEU A 583 3.81 -18.70 12.73
CA LEU A 583 4.80 -17.89 13.41
C LEU A 583 4.15 -16.81 14.28
N THR A 584 3.09 -16.20 13.78
CA THR A 584 2.43 -15.20 14.58
C THR A 584 2.00 -15.75 15.92
N ILE A 585 1.45 -16.95 15.93
CA ILE A 585 1.03 -17.63 17.15
C ILE A 585 2.16 -18.14 18.02
N SER A 586 3.09 -18.85 17.43
CA SER A 586 4.16 -19.46 18.18
C SER A 586 5.12 -18.40 18.81
N GLU A 587 5.28 -17.24 18.15
CA GLU A 587 6.10 -16.16 18.71
C GLU A 587 5.45 -15.56 19.93
N ALA A 588 4.17 -15.21 19.83
CA ALA A 588 3.50 -14.67 21.04
C ALA A 588 3.58 -15.63 22.22
N ASN A 589 3.33 -16.92 21.93
N ASN A 589 3.31 -16.90 21.98
CA ASN A 589 3.40 -18.01 22.95
CA ASN A 589 3.27 -17.84 23.09
C ASN A 589 4.74 -18.02 23.61
C ASN A 589 4.73 -18.14 23.63
N ARG A 590 5.76 -18.09 22.75
CA ARG A 590 7.16 -18.20 23.14
C ARG A 590 7.58 -17.04 24.08
N ILE A 591 7.23 -15.83 23.69
CA ILE A 591 7.68 -14.66 24.48
C ILE A 591 6.95 -14.69 25.82
N LYS A 592 5.65 -14.94 25.80
CA LYS A 592 4.84 -15.01 27.02
C LYS A 592 5.40 -16.06 27.98
N ASN A 593 5.74 -17.25 27.47
CA ASN A 593 6.35 -18.27 28.32
C ASN A 593 7.69 -17.87 28.90
N GLY A 594 8.55 -17.26 28.09
CA GLY A 594 9.79 -16.75 28.62
C GLY A 594 9.60 -15.73 29.72
N ILE A 595 8.60 -14.86 29.56
CA ILE A 595 8.36 -13.84 30.60
C ILE A 595 7.89 -14.47 31.89
N ASN A 596 7.01 -15.45 31.79
CA ASN A 596 6.56 -16.15 32.98
C ASN A 596 7.71 -16.92 33.65
N ASN A 597 8.68 -17.42 32.87
CA ASN A 597 9.87 -17.96 33.51
C ASN A 597 10.71 -16.94 34.21
N PHE A 598 10.87 -15.75 33.65
CA PHE A 598 11.52 -14.70 34.39
C PHE A 598 10.74 -14.31 35.63
N ALA A 599 9.41 -14.35 35.53
CA ALA A 599 8.58 -14.07 36.72
C ALA A 599 8.85 -15.05 37.84
N ARG A 600 8.94 -16.31 37.49
CA ARG A 600 9.24 -17.35 38.49
C ARG A 600 10.62 -17.12 39.12
N GLU A 601 11.59 -16.69 38.31
CA GLU A 601 12.91 -16.39 38.81
C GLU A 601 12.88 -15.27 39.84
N PHE A 602 12.17 -14.19 39.50
CA PHE A 602 12.03 -13.02 40.39
C PHE A 602 11.30 -13.42 41.68
N ILE A 603 10.26 -14.25 41.57
CA ILE A 603 9.54 -14.72 42.75
C ILE A 603 10.46 -15.52 43.66
N SER A 604 11.24 -16.42 43.08
CA SER A 604 12.18 -17.25 43.85
C SER A 604 13.22 -16.40 44.57
N LEU A 605 13.75 -15.39 43.89
CA LEU A 605 14.73 -14.42 44.44
C LEU A 605 14.16 -13.65 45.60
N THR A 606 12.99 -13.06 45.39
CA THR A 606 12.25 -12.38 46.43
C THR A 606 11.81 -13.33 47.58
N MET A 607 11.68 -14.64 47.32
CA MET A 607 11.43 -15.71 48.33
C MET A 607 9.98 -15.79 48.73
N THR B 28 2.97 41.59 -26.65
CA THR B 28 2.93 40.61 -27.78
C THR B 28 1.62 39.80 -27.82
N THR B 29 1.30 39.28 -29.00
CA THR B 29 0.16 38.42 -29.19
C THR B 29 0.53 36.96 -28.78
N LEU B 30 1.80 36.60 -28.96
CA LEU B 30 2.30 35.25 -28.57
C LEU B 30 3.59 35.37 -27.78
N GLY B 31 3.66 34.78 -26.58
CA GLY B 31 4.93 34.69 -25.85
C GLY B 31 5.54 33.30 -26.01
N ALA B 32 6.85 33.20 -25.86
CA ALA B 32 7.53 31.93 -26.01
C ALA B 32 8.84 31.89 -25.23
N SER B 33 9.15 30.71 -24.66
CA SER B 33 10.39 30.47 -23.97
C SER B 33 10.77 29.03 -24.14
N ILE B 34 12.04 28.72 -24.12
CA ILE B 34 12.48 27.35 -23.89
C ILE B 34 12.00 26.91 -22.50
N GLY B 35 11.57 25.65 -22.43
CA GLY B 35 11.10 25.03 -21.20
C GLY B 35 11.73 23.70 -21.01
N SER B 36 11.63 23.20 -19.78
CA SER B 36 12.17 21.90 -19.41
C SER B 36 11.22 20.77 -19.83
N THR B 37 11.84 19.67 -20.20
CA THR B 37 11.09 18.40 -20.44
C THR B 37 10.82 17.62 -19.16
N ASP B 38 11.40 18.06 -18.05
CA ASP B 38 11.34 17.29 -16.80
C ASP B 38 10.01 17.38 -16.08
N PHE B 39 9.19 18.40 -16.34
CA PHE B 39 7.89 18.59 -15.68
C PHE B 39 6.90 19.16 -16.69
N HIS B 40 5.64 19.09 -16.36
CA HIS B 40 4.59 19.60 -17.20
C HIS B 40 4.41 21.12 -17.05
N TYR B 41 4.09 21.79 -18.13
CA TYR B 41 3.64 23.20 -18.13
C TYR B 41 2.16 23.15 -18.25
N LEU B 42 1.47 23.45 -17.14
CA LEU B 42 0.03 23.26 -17.02
C LEU B 42 -0.72 24.59 -17.13
N GLN B 43 -1.98 24.51 -17.56
CA GLN B 43 -2.80 25.73 -17.73
C GLN B 43 -2.90 26.48 -16.42
N LYS B 44 -3.01 25.75 -15.31
CA LYS B 44 -3.15 26.39 -13.96
C LYS B 44 -1.97 27.29 -13.57
N ASP B 45 -0.81 27.13 -14.22
CA ASP B 45 0.36 27.90 -13.94
C ASP B 45 0.63 29.03 -14.95
N TYR B 46 -0.37 29.36 -15.76
CA TYR B 46 -0.29 30.36 -16.80
C TYR B 46 0.43 31.66 -16.36
N ASP B 47 0.09 32.16 -15.17
CA ASP B 47 0.65 33.44 -14.73
C ASP B 47 2.12 33.39 -14.49
N GLU B 48 2.61 32.28 -13.94
CA GLU B 48 4.04 32.10 -13.72
C GLU B 48 4.81 31.76 -14.97
N ILE B 49 4.15 30.99 -15.85
CA ILE B 49 4.78 30.59 -17.08
C ILE B 49 5.07 31.80 -17.97
N LYS B 50 4.16 32.78 -17.94
CA LYS B 50 4.28 34.03 -18.74
C LYS B 50 5.49 34.89 -18.39
N LYS B 51 6.13 34.58 -17.28
CA LYS B 51 7.37 35.28 -16.86
C LYS B 51 8.67 34.68 -17.42
N LEU B 52 8.57 33.51 -18.07
CA LEU B 52 9.73 32.87 -18.63
C LEU B 52 10.32 33.63 -19.83
N ASN B 53 11.62 33.55 -19.95
CA ASN B 53 12.35 34.24 -21.00
C ASN B 53 13.69 33.57 -21.28
N LEU B 54 13.69 32.25 -21.45
CA LEU B 54 14.91 31.48 -21.71
C LEU B 54 15.06 31.31 -23.19
N ASN B 55 16.20 31.76 -23.73
CA ASN B 55 16.39 31.79 -25.20
C ASN B 55 17.49 30.95 -25.73
N THR B 56 18.23 30.23 -24.91
CA THR B 56 19.33 29.39 -25.32
C THR B 56 19.24 28.03 -24.63
N TRP B 57 19.79 27.02 -25.29
CA TRP B 57 19.85 25.66 -24.79
C TRP B 57 21.13 25.01 -25.25
N ASN B 58 21.78 24.26 -24.35
N ASN B 58 21.68 24.20 -24.36
CA ASN B 58 23.10 23.66 -24.59
CA ASN B 58 22.82 23.39 -24.67
C ASN B 58 23.18 22.29 -23.89
C ASN B 58 22.79 22.09 -23.90
N GLU B 59 23.13 21.16 -24.61
N GLU B 59 23.28 21.03 -24.52
CA GLU B 59 23.29 19.79 -24.04
CA GLU B 59 23.33 19.72 -23.93
C GLU B 59 24.46 18.98 -24.67
C GLU B 59 24.42 18.95 -24.66
N VAL B 60 24.78 17.82 -24.09
CA VAL B 60 25.85 16.96 -24.53
C VAL B 60 25.21 15.63 -24.94
N ALA B 61 25.64 15.09 -26.07
CA ALA B 61 25.15 13.82 -26.58
C ALA B 61 26.31 12.97 -27.06
N TRP B 62 26.10 11.68 -27.20
CA TRP B 62 27.00 10.80 -27.94
C TRP B 62 26.53 10.70 -29.41
N ILE B 63 27.42 10.18 -30.22
CA ILE B 63 27.04 9.81 -31.57
C ILE B 63 25.90 8.77 -31.45
N GLY B 64 24.81 8.97 -32.23
CA GLY B 64 23.75 7.98 -32.23
C GLY B 64 22.78 8.13 -31.04
N ASP B 65 22.96 9.19 -30.28
CA ASP B 65 22.12 9.49 -29.11
C ASP B 65 20.93 10.31 -29.55
N GLU B 66 20.05 10.66 -28.61
CA GLU B 66 18.95 11.54 -28.83
C GLU B 66 18.87 12.54 -27.71
N LEU B 67 18.47 13.77 -28.05
CA LEU B 67 18.26 14.82 -27.07
C LEU B 67 16.81 15.33 -27.16
N ASN B 68 16.22 15.78 -26.07
CA ASN B 68 14.93 16.36 -26.11
C ASN B 68 14.90 17.74 -25.45
N SER B 69 14.07 18.57 -25.99
CA SER B 69 13.81 19.89 -25.44
C SER B 69 12.36 20.27 -25.59
N LYS B 70 12.00 21.50 -25.29
CA LYS B 70 10.63 21.94 -25.33
C LYS B 70 10.59 23.47 -25.51
N ILE B 71 9.66 23.95 -26.31
CA ILE B 71 9.30 25.36 -26.34
C ILE B 71 7.90 25.52 -25.79
N VAL B 72 7.74 26.40 -24.79
CA VAL B 72 6.51 26.69 -24.18
C VAL B 72 6.06 28.04 -24.69
N MET B 73 4.83 28.11 -25.17
CA MET B 73 4.26 29.32 -25.74
C MET B 73 2.99 29.69 -25.01
N TRP B 74 2.61 30.97 -25.06
CA TRP B 74 1.37 31.36 -24.44
C TRP B 74 0.71 32.49 -25.23
N THR B 75 -0.61 32.46 -25.18
CA THR B 75 -1.40 33.54 -25.76
C THR B 75 -1.91 34.45 -24.67
N ASN B 76 -2.24 35.68 -25.07
CA ASN B 76 -2.81 36.66 -24.17
C ASN B 76 -4.30 36.85 -24.48
N SER B 77 -4.76 38.10 -24.72
CA SER B 77 -6.21 38.35 -24.78
C SER B 77 -6.88 37.87 -26.06
N SER B 78 -6.09 37.63 -27.11
CA SER B 78 -6.63 37.22 -28.42
C SER B 78 -6.04 35.87 -28.86
N PRO B 79 -6.84 35.09 -29.65
CA PRO B 79 -6.29 33.86 -30.22
C PRO B 79 -5.21 34.16 -31.26
N VAL B 80 -4.37 33.18 -31.51
CA VAL B 80 -3.26 33.31 -32.42
C VAL B 80 -3.32 32.12 -33.36
N ASN B 81 -3.19 32.38 -34.66
CA ASN B 81 -3.35 31.31 -35.68
C ASN B 81 -2.08 30.96 -36.38
N ASN B 82 -2.04 29.71 -36.85
CA ASN B 82 -0.98 29.22 -37.70
C ASN B 82 0.37 29.31 -36.96
N VAL B 83 0.38 28.93 -35.67
CA VAL B 83 1.64 28.90 -34.96
C VAL B 83 2.49 27.75 -35.49
N THR B 84 3.73 28.05 -35.89
CA THR B 84 4.59 27.09 -36.51
C THR B 84 6.02 27.14 -36.04
N LEU B 85 6.65 25.98 -35.86
CA LEU B 85 7.99 25.91 -35.43
C LEU B 85 8.84 25.20 -36.47
N SER B 86 10.06 25.67 -36.69
CA SER B 86 10.99 24.99 -37.62
C SER B 86 12.42 25.00 -37.12
N SER B 87 13.17 23.96 -37.43
CA SER B 87 14.55 23.87 -37.07
C SER B 87 15.39 24.14 -38.29
N SER B 88 16.48 24.88 -38.09
CA SER B 88 17.60 24.86 -39.04
C SER B 88 18.39 23.53 -39.07
N ASP B 89 19.31 23.38 -40.02
CA ASP B 89 20.33 22.40 -39.94
C ASP B 89 21.24 22.78 -38.79
N PHE B 90 21.96 21.82 -38.30
CA PHE B 90 22.94 22.03 -37.27
C PHE B 90 24.33 21.78 -37.82
N ILE B 91 25.26 22.69 -37.52
CA ILE B 91 26.61 22.65 -38.12
C ILE B 91 27.66 22.81 -37.05
N ASN B 92 28.73 22.03 -37.10
CA ASN B 92 29.80 22.11 -36.10
C ASN B 92 30.95 23.03 -36.62
N GLU B 93 32.04 23.09 -35.85
CA GLU B 93 33.19 24.01 -36.08
C GLU B 93 33.94 23.67 -37.40
N ASN B 94 33.89 22.40 -37.79
CA ASN B 94 34.49 21.93 -39.07
C ASN B 94 33.59 21.91 -40.26
N GLY B 95 32.37 22.43 -40.12
CA GLY B 95 31.36 22.44 -41.17
C GLY B 95 30.60 21.12 -41.39
N ASP B 96 30.76 20.16 -40.48
CA ASP B 96 29.99 18.90 -40.54
C ASP B 96 28.57 19.21 -40.19
N LEU B 97 27.64 18.59 -40.90
CA LEU B 97 26.25 18.95 -40.88
C LEU B 97 25.37 17.79 -40.33
N ILE B 98 24.43 18.20 -39.48
CA ILE B 98 23.30 17.35 -39.04
C ILE B 98 22.06 18.04 -39.54
N SER B 99 21.38 17.36 -40.46
CA SER B 99 20.26 17.90 -41.12
C SER B 99 19.07 18.19 -40.22
N SER B 100 18.32 19.22 -40.57
CA SER B 100 17.08 19.57 -39.96
C SER B 100 16.10 18.42 -39.90
N ASN B 101 16.19 17.48 -40.85
CA ASN B 101 15.29 16.34 -40.84
C ASN B 101 15.48 15.45 -39.60
N ASN B 102 16.61 15.62 -38.91
CA ASN B 102 16.85 14.87 -37.67
C ASN B 102 16.15 15.52 -36.47
N ILE B 103 15.52 16.66 -36.65
CA ILE B 103 14.87 17.38 -35.58
C ILE B 103 13.37 17.31 -35.80
N LYS B 104 12.64 16.72 -34.86
CA LYS B 104 11.19 16.58 -34.98
C LYS B 104 10.52 17.40 -33.89
N ILE B 105 9.67 18.34 -34.26
CA ILE B 105 8.98 19.23 -33.37
C ILE B 105 7.53 18.90 -33.39
N SER B 106 7.00 18.47 -32.24
CA SER B 106 5.64 17.97 -32.17
C SER B 106 4.87 18.65 -31.07
N TRP B 107 3.64 19.04 -31.35
CA TRP B 107 2.83 19.70 -30.33
C TRP B 107 2.50 18.75 -29.18
N LEU B 108 2.54 19.25 -27.95
CA LEU B 108 2.07 18.48 -26.82
C LEU B 108 0.58 18.67 -26.68
N LYS B 109 -0.18 17.62 -26.86
CA LYS B 109 -1.62 17.66 -26.73
C LYS B 109 -2.06 17.30 -25.31
N GLU B 110 -3.05 18.02 -24.84
CA GLU B 110 -3.61 17.79 -23.52
C GLU B 110 -4.78 16.83 -23.57
N THR B 111 -4.91 16.04 -22.51
CA THR B 111 -6.03 15.18 -22.32
C THR B 111 -6.44 15.34 -20.86
N LEU B 112 -7.68 14.98 -20.54
CA LEU B 112 -8.18 15.09 -19.20
C LEU B 112 -7.81 13.89 -18.35
N ALA B 113 -7.51 14.18 -17.08
CA ALA B 113 -7.24 13.13 -16.08
C ALA B 113 -7.87 13.47 -14.75
N ASN B 114 -8.61 12.52 -14.24
CA ASN B 114 -8.96 12.47 -12.82
C ASN B 114 -7.66 12.29 -12.02
N ILE B 115 -7.35 13.22 -11.13
CA ILE B 115 -6.05 13.27 -10.41
C ILE B 115 -5.95 12.29 -9.26
N GLY B 116 -6.99 11.52 -8.99
CA GLY B 116 -7.04 10.64 -7.83
C GLY B 116 -6.76 9.20 -8.22
N ARG B 117 -6.98 8.34 -7.24
CA ARG B 117 -6.90 6.89 -7.39
C ARG B 117 -8.17 6.29 -6.82
N SER B 118 -8.92 5.56 -7.64
CA SER B 118 -10.24 4.98 -7.22
C SER B 118 -11.14 6.03 -6.56
N ASN B 119 -11.13 7.23 -7.10
CA ASN B 119 -11.83 8.36 -6.49
C ASN B 119 -12.61 9.13 -7.54
N PRO B 120 -13.87 8.72 -7.76
CA PRO B 120 -14.71 9.32 -8.79
C PRO B 120 -15.01 10.77 -8.61
N SER B 121 -14.93 11.29 -7.39
CA SER B 121 -15.13 12.70 -7.17
C SER B 121 -13.90 13.59 -7.30
N ALA B 122 -12.73 13.03 -7.61
CA ALA B 122 -11.58 13.87 -7.73
C ALA B 122 -11.63 14.81 -8.94
N PRO B 123 -10.93 15.95 -8.85
CA PRO B 123 -10.89 16.91 -9.98
C PRO B 123 -10.36 16.26 -11.25
N LEU B 124 -10.93 16.71 -12.35
CA LEU B 124 -10.52 16.36 -13.71
C LEU B 124 -9.71 17.53 -14.19
N GLU B 125 -8.47 17.33 -14.57
CA GLU B 125 -7.57 18.42 -15.00
C GLU B 125 -6.88 18.04 -16.32
N PRO B 126 -6.49 19.02 -17.11
CA PRO B 126 -5.77 18.72 -18.35
C PRO B 126 -4.29 18.56 -18.18
N PHE B 127 -3.71 17.55 -18.87
CA PHE B 127 -2.27 17.29 -18.79
C PHE B 127 -1.66 17.10 -20.16
N PRO B 128 -0.53 17.74 -20.42
CA PRO B 128 0.13 17.71 -21.76
C PRO B 128 0.95 16.41 -21.87
N ASP B 129 0.25 15.29 -21.91
CA ASP B 129 0.82 13.94 -21.80
C ASP B 129 1.07 13.33 -23.17
N ILE B 130 0.65 13.96 -24.28
CA ILE B 130 0.67 13.32 -25.57
C ILE B 130 1.64 14.06 -26.50
N ILE B 131 2.64 13.38 -27.01
CA ILE B 131 3.55 13.96 -28.03
C ILE B 131 2.80 13.74 -29.35
N HIS B 132 2.21 14.80 -29.88
CA HIS B 132 1.21 14.70 -30.92
C HIS B 132 1.83 15.01 -32.29
N ASN B 133 1.24 15.90 -33.06
CA ASN B 133 1.71 16.03 -34.46
C ASN B 133 2.51 17.30 -34.68
N SER B 134 3.22 17.25 -35.81
CA SER B 134 4.01 18.40 -36.27
C SER B 134 3.12 19.34 -37.07
N GLY B 135 3.67 20.44 -37.53
CA GLY B 135 2.86 21.36 -38.34
C GLY B 135 2.25 22.48 -37.54
N SER B 136 1.20 23.10 -38.08
N SER B 136 1.24 23.14 -38.12
CA SER B 136 0.72 24.37 -37.56
CA SER B 136 0.70 24.37 -37.56
C SER B 136 -0.50 24.25 -36.66
C SER B 136 -0.36 24.09 -36.50
N LEU B 137 -0.54 25.03 -35.58
CA LEU B 137 -1.61 24.98 -34.60
C LEU B 137 -2.22 26.36 -34.40
N ASN B 138 -3.53 26.39 -34.23
CA ASN B 138 -4.25 27.57 -33.76
C ASN B 138 -4.50 27.50 -32.28
N ILE B 139 -4.18 28.57 -31.56
CA ILE B 139 -4.24 28.59 -30.09
C ILE B 139 -5.29 29.60 -29.63
N GLU B 140 -6.15 29.18 -28.72
CA GLU B 140 -7.15 30.06 -28.12
C GLU B 140 -6.49 31.12 -27.24
N LYS B 141 -7.28 32.11 -26.82
CA LYS B 141 -6.82 33.16 -25.93
C LYS B 141 -6.45 32.60 -24.55
N ASN B 142 -5.53 33.25 -23.84
CA ASN B 142 -5.21 32.96 -22.43
C ASN B 142 -4.90 31.44 -22.22
N LYS B 143 -4.04 30.93 -23.10
CA LYS B 143 -3.68 29.52 -23.12
C LYS B 143 -2.17 29.32 -23.13
N ILE B 144 -1.77 28.21 -22.51
CA ILE B 144 -0.45 27.64 -22.66
C ILE B 144 -0.54 26.55 -23.72
N ALA B 145 0.51 26.49 -24.54
CA ALA B 145 0.70 25.37 -25.47
C ALA B 145 2.15 25.14 -25.63
N SER B 146 2.61 23.88 -25.56
CA SER B 146 4.01 23.56 -25.69
C SER B 146 4.30 22.62 -26.85
N ALA B 147 5.50 22.70 -27.38
CA ALA B 147 5.99 21.77 -28.40
C ALA B 147 7.22 21.04 -27.95
N TRP B 148 7.20 19.71 -28.13
CA TRP B 148 8.29 18.80 -27.81
C TRP B 148 9.28 18.81 -28.96
N ILE B 149 10.54 18.90 -28.66
CA ILE B 149 11.63 18.89 -29.66
C ILE B 149 12.46 17.65 -29.45
N ASN B 150 12.60 16.84 -30.49
CA ASN B 150 13.42 15.67 -30.44
C ASN B 150 14.57 15.77 -31.43
N ILE B 151 15.79 15.63 -30.97
CA ILE B 151 16.98 15.71 -31.82
C ILE B 151 17.63 14.34 -31.89
N LYS B 152 17.62 13.74 -33.09
N LYS B 152 17.58 13.73 -33.08
CA LYS B 152 18.25 12.43 -33.27
CA LYS B 152 18.30 12.47 -33.26
C LYS B 152 19.66 12.59 -33.88
C LYS B 152 19.70 12.81 -33.77
N ILE B 153 20.68 12.27 -33.11
CA ILE B 153 22.08 12.38 -33.57
C ILE B 153 22.34 11.17 -34.46
N PRO B 154 22.71 11.40 -35.76
CA PRO B 154 23.00 10.24 -36.59
C PRO B 154 24.07 9.34 -36.03
N ARG B 155 24.01 8.05 -36.29
CA ARG B 155 25.00 7.08 -35.85
C ARG B 155 26.40 7.25 -36.50
N ASN B 156 26.42 8.01 -37.59
CA ASN B 156 27.67 8.34 -38.26
C ASN B 156 27.93 9.82 -38.21
N ALA B 157 27.35 10.56 -37.25
CA ALA B 157 27.71 11.97 -37.04
C ALA B 157 29.14 12.09 -36.57
N LYS B 158 29.76 13.21 -36.93
CA LYS B 158 31.12 13.51 -36.46
C LYS B 158 31.02 14.20 -35.09
N PRO B 159 32.03 14.02 -34.25
CA PRO B 159 32.04 14.79 -32.98
C PRO B 159 32.17 16.28 -33.22
N GLY B 160 31.85 17.05 -32.20
CA GLY B 160 32.07 18.47 -32.22
C GLY B 160 30.92 19.23 -31.63
N ILE B 161 31.00 20.55 -31.65
CA ILE B 161 30.01 21.39 -31.06
C ILE B 161 29.17 21.96 -32.16
N TYR B 162 27.91 21.51 -32.23
CA TYR B 162 26.96 21.90 -33.25
C TYR B 162 26.04 23.02 -32.87
N ASN B 163 25.80 23.94 -33.78
CA ASN B 163 24.91 25.04 -33.61
C ASN B 163 23.79 25.13 -34.61
N GLY B 164 22.65 25.58 -34.13
CA GLY B 164 21.45 25.72 -34.93
C GLY B 164 20.41 26.54 -34.27
N SER B 165 19.27 26.67 -34.90
CA SER B 165 18.24 27.53 -34.37
C SER B 165 16.87 26.98 -34.60
N ILE B 166 15.98 27.26 -33.65
CA ILE B 166 14.55 27.00 -33.81
C ILE B 166 13.75 28.27 -33.87
N GLU B 167 12.89 28.39 -34.87
CA GLU B 167 12.15 29.59 -35.13
C GLU B 167 10.67 29.40 -34.91
N VAL B 168 10.03 30.31 -34.21
CA VAL B 168 8.61 30.26 -33.99
C VAL B 168 7.97 31.41 -34.71
N THR B 169 6.98 31.11 -35.54
CA THR B 169 6.19 32.12 -36.28
C THR B 169 4.69 31.94 -36.08
N ALA B 170 3.92 32.99 -36.35
CA ALA B 170 2.49 32.89 -36.29
C ALA B 170 1.91 34.04 -37.16
N ASP B 171 0.67 33.91 -37.56
CA ASP B 171 0.03 34.96 -38.36
C ASP B 171 0.05 36.33 -37.66
N GLU B 172 -0.44 36.38 -36.43
CA GLU B 172 -0.55 37.68 -35.71
C GLU B 172 0.76 38.14 -35.03
N LEU B 173 1.85 37.39 -35.18
CA LEU B 173 3.12 37.71 -34.52
C LEU B 173 4.02 38.46 -35.50
N GLU B 174 4.28 39.74 -35.24
CA GLU B 174 5.08 40.58 -36.13
C GLU B 174 6.54 40.14 -36.24
N LYS B 175 7.23 39.98 -35.10
CA LYS B 175 8.62 39.49 -35.07
C LYS B 175 8.63 38.03 -34.62
N SER B 176 9.27 37.16 -35.41
CA SER B 176 9.37 35.74 -35.08
C SER B 176 10.34 35.56 -33.93
N TYR B 177 10.17 34.50 -33.15
CA TYR B 177 11.18 34.12 -32.15
C TYR B 177 12.19 33.24 -32.80
N THR B 178 13.46 33.45 -32.48
CA THR B 178 14.58 32.60 -32.82
C THR B 178 15.21 32.14 -31.50
N PHE B 179 15.27 30.82 -31.32
CA PHE B 179 15.99 30.22 -30.19
C PHE B 179 17.29 29.58 -30.58
N ASP B 180 18.34 29.87 -29.81
N ASP B 180 18.33 29.84 -29.79
CA ASP B 180 19.69 29.47 -30.09
CA ASP B 180 19.68 29.45 -30.11
C ASP B 180 19.90 28.11 -29.44
C ASP B 180 19.98 28.10 -29.45
N TYR B 181 19.96 27.06 -30.25
CA TYR B 181 20.30 25.71 -29.79
C TYR B 181 21.70 25.25 -30.11
N SER B 182 22.37 24.58 -29.18
CA SER B 182 23.63 23.95 -29.45
C SER B 182 23.76 22.66 -28.69
N PHE B 183 24.59 21.79 -29.20
CA PHE B 183 24.97 20.59 -28.50
C PHE B 183 26.37 20.14 -28.88
N GLU B 184 27.00 19.43 -27.98
CA GLU B 184 28.24 18.79 -28.23
C GLU B 184 28.04 17.32 -28.42
N VAL B 185 28.58 16.80 -29.54
CA VAL B 185 28.63 15.39 -29.77
C VAL B 185 29.99 14.91 -29.38
N LEU B 186 30.03 14.07 -28.38
CA LEU B 186 31.20 13.42 -27.95
C LEU B 186 31.59 12.26 -28.88
N ASN B 187 32.87 11.97 -28.99
CA ASN B 187 33.39 10.89 -29.85
C ASN B 187 33.32 9.51 -29.27
N LEU B 188 32.08 9.13 -28.89
CA LEU B 188 31.75 7.79 -28.50
C LEU B 188 30.38 7.50 -29.11
N VAL B 189 30.14 6.22 -29.38
CA VAL B 189 28.88 5.80 -30.05
C VAL B 189 27.92 5.19 -29.03
N GLN B 190 26.77 5.78 -28.97
CA GLN B 190 25.64 5.17 -28.19
C GLN B 190 25.42 3.73 -28.57
N PRO B 191 25.47 2.77 -27.63
CA PRO B 191 25.26 1.40 -28.04
C PRO B 191 23.87 1.17 -28.64
N LEU B 192 23.80 0.31 -29.64
CA LEU B 192 22.50 -0.21 -30.05
C LEU B 192 21.95 -1.03 -28.90
N PRO B 193 20.62 -1.06 -28.74
CA PRO B 193 20.05 -1.90 -27.65
C PRO B 193 20.56 -3.32 -27.61
N SER B 194 20.66 -3.98 -28.76
CA SER B 194 21.10 -5.38 -28.76
C SER B 194 22.56 -5.60 -28.33
N GLU B 195 23.35 -4.51 -28.29
CA GLU B 195 24.78 -4.54 -27.86
C GLU B 195 24.91 -4.38 -26.38
N THR B 196 23.81 -4.11 -25.68
CA THR B 196 23.83 -3.91 -24.23
C THR B 196 23.36 -5.13 -23.41
N ASN B 197 23.54 -5.06 -22.10
N ASN B 197 23.56 -5.12 -22.10
CA ASN B 197 22.99 -6.05 -21.17
CA ASN B 197 22.90 -6.13 -21.24
C ASN B 197 21.75 -5.55 -20.41
C ASN B 197 21.77 -5.54 -20.40
N THR B 198 21.13 -4.51 -20.92
CA THR B 198 19.92 -3.95 -20.30
C THR B 198 18.71 -4.73 -20.64
N GLN B 199 17.95 -5.06 -19.59
CA GLN B 199 16.69 -5.81 -19.73
C GLN B 199 15.56 -4.81 -19.57
N ILE B 200 14.66 -4.80 -20.55
CA ILE B 200 13.45 -4.00 -20.51
C ILE B 200 12.28 -4.91 -20.86
N GLU B 201 11.21 -4.84 -20.07
CA GLU B 201 10.01 -5.63 -20.30
C GLU B 201 8.80 -4.73 -20.04
N PHE B 202 8.01 -4.49 -21.07
CA PHE B 202 6.73 -3.78 -20.95
C PHE B 202 5.63 -4.67 -21.49
N TRP B 203 4.56 -4.85 -20.75
CA TRP B 203 3.50 -5.79 -21.13
C TRP B 203 2.57 -5.18 -22.13
N GLN B 204 2.43 -5.90 -23.24
CA GLN B 204 1.64 -5.54 -24.40
CA GLN B 204 1.58 -5.47 -24.35
C GLN B 204 0.28 -6.22 -24.28
N HIS B 205 -0.75 -5.58 -24.86
CA HIS B 205 -2.14 -6.03 -24.80
C HIS B 205 -2.76 -5.96 -26.20
N PRO B 206 -2.38 -6.90 -27.06
CA PRO B 206 -2.74 -6.76 -28.48
C PRO B 206 -4.23 -6.83 -28.72
N TYR B 207 -4.99 -7.46 -27.83
CA TYR B 207 -6.44 -7.46 -28.00
C TYR B 207 -7.05 -6.08 -27.72
N THR B 208 -6.40 -5.27 -26.90
CA THR B 208 -6.81 -3.87 -26.67
C THR B 208 -6.63 -3.04 -27.91
N ILE B 209 -5.48 -3.21 -28.58
CA ILE B 209 -5.24 -2.60 -29.89
C ILE B 209 -6.35 -2.99 -30.84
N ALA B 210 -6.72 -4.25 -30.84
CA ALA B 210 -7.83 -4.69 -31.70
C ALA B 210 -9.11 -3.98 -31.39
N ARG B 211 -9.43 -3.90 -30.11
CA ARG B 211 -10.69 -3.24 -29.73
C ARG B 211 -10.69 -1.81 -30.21
N TYR B 212 -9.60 -1.12 -29.89
CA TYR B 212 -9.56 0.30 -30.24
C TYR B 212 -9.71 0.57 -31.73
N TYR B 213 -9.05 -0.25 -32.53
CA TYR B 213 -8.99 -0.05 -34.00
C TYR B 213 -10.05 -0.89 -34.73
N LYS B 214 -11.00 -1.42 -33.98
CA LYS B 214 -12.23 -2.01 -34.57
C LYS B 214 -11.92 -3.27 -35.35
N ILE B 215 -10.99 -4.07 -34.86
CA ILE B 215 -10.63 -5.35 -35.48
C ILE B 215 -11.61 -6.39 -34.92
N CYS B 216 -12.34 -7.08 -35.81
CA CYS B 216 -13.28 -8.12 -35.42
C CYS B 216 -12.55 -9.38 -35.06
N LYS B 217 -13.27 -10.27 -34.35
CA LYS B 217 -12.67 -11.53 -33.89
C LYS B 217 -12.00 -12.35 -34.98
N GLU B 218 -12.64 -12.49 -36.16
CA GLU B 218 -12.08 -13.32 -37.18
C GLU B 218 -10.80 -12.76 -37.77
N ASP B 219 -10.57 -11.44 -37.56
CA ASP B 219 -9.40 -10.76 -38.05
C ASP B 219 -8.27 -10.63 -37.01
N LEU B 220 -8.46 -11.19 -35.84
CA LEU B 220 -7.38 -11.14 -34.83
C LEU B 220 -6.16 -11.83 -35.33
N PHE B 221 -5.01 -11.19 -35.22
CA PHE B 221 -3.72 -11.75 -35.56
C PHE B 221 -3.61 -12.07 -37.05
N THR B 222 -4.39 -11.34 -37.84
CA THR B 222 -4.19 -11.29 -39.29
C THR B 222 -3.47 -9.99 -39.65
N GLU B 223 -3.16 -9.84 -40.92
CA GLU B 223 -2.49 -8.62 -41.37
C GLU B 223 -3.28 -7.36 -41.01
N LYS B 224 -4.60 -7.40 -41.01
CA LYS B 224 -5.40 -6.29 -40.67
C LYS B 224 -5.16 -5.81 -39.23
N HIS B 225 -4.94 -6.76 -38.34
CA HIS B 225 -4.54 -6.42 -36.93
C HIS B 225 -3.08 -6.00 -36.87
N PHE B 226 -2.19 -6.69 -37.60
CA PHE B 226 -0.77 -6.39 -37.58
C PHE B 226 -0.48 -4.98 -38.00
N LYS B 227 -1.30 -4.38 -38.87
CA LYS B 227 -1.10 -3.03 -39.31
C LYS B 227 -1.17 -1.98 -38.20
N TYR B 228 -1.89 -2.35 -37.13
CA TYR B 228 -1.97 -1.55 -35.95
C TYR B 228 -1.00 -1.88 -34.83
N LEU B 229 -0.23 -2.94 -34.99
CA LEU B 229 0.76 -3.39 -34.00
C LEU B 229 2.18 -3.05 -34.34
N ARG B 230 2.57 -3.13 -35.61
CA ARG B 230 3.99 -3.07 -35.93
C ARG B 230 4.70 -1.80 -35.48
N GLY B 231 4.08 -0.66 -35.63
CA GLY B 231 4.69 0.59 -35.29
C GLY B 231 5.00 0.64 -33.81
N ASN B 232 4.02 0.30 -32.98
CA ASN B 232 4.31 0.40 -31.55
C ASN B 232 5.28 -0.66 -31.08
N LEU B 233 5.24 -1.87 -31.69
CA LEU B 233 6.17 -2.89 -31.31
C LEU B 233 7.62 -2.50 -31.73
N LYS B 234 7.77 -1.88 -32.90
CA LYS B 234 9.13 -1.38 -33.30
C LYS B 234 9.58 -0.28 -32.30
N GLU B 235 8.65 0.55 -31.83
CA GLU B 235 8.98 1.60 -30.81
C GLU B 235 9.55 0.93 -29.57
N TYR B 236 8.89 -0.15 -29.17
CA TYR B 236 9.33 -0.92 -28.04
C TYR B 236 10.70 -1.55 -28.25
N ARG B 237 10.87 -2.24 -29.36
CA ARG B 237 12.14 -2.85 -29.73
C ARG B 237 13.28 -1.82 -29.74
N ASN B 238 13.03 -0.69 -30.36
CA ASN B 238 14.09 0.29 -30.56
C ASN B 238 14.55 0.97 -29.29
N MET B 239 13.73 0.96 -28.23
CA MET B 239 14.17 1.49 -26.95
C MET B 239 14.78 0.43 -26.06
N GLY B 240 14.90 -0.81 -26.53
CA GLY B 240 15.45 -1.87 -25.68
C GLY B 240 14.54 -2.97 -25.21
N GLY B 241 13.30 -2.99 -25.70
CA GLY B 241 12.41 -4.04 -25.27
C GLY B 241 12.83 -5.41 -25.64
N ARG B 242 12.81 -6.33 -24.67
CA ARG B 242 13.21 -7.72 -24.82
C ARG B 242 12.13 -8.74 -24.40
N GLY B 243 11.31 -8.39 -23.42
CA GLY B 243 10.28 -9.34 -22.94
C GLY B 243 8.96 -9.15 -23.65
N VAL B 244 8.36 -10.28 -24.01
CA VAL B 244 7.08 -10.34 -24.70
C VAL B 244 6.14 -11.21 -23.91
N ILE B 245 5.09 -10.59 -23.35
CA ILE B 245 4.13 -11.36 -22.55
C ILE B 245 3.13 -12.04 -23.49
N ALA B 246 2.64 -13.19 -23.07
CA ALA B 246 1.58 -13.94 -23.74
C ALA B 246 0.71 -14.62 -22.70
N THR B 247 -0.59 -14.39 -22.74
CA THR B 247 -1.46 -15.05 -21.80
C THR B 247 -1.69 -16.51 -22.18
N ILE B 248 -1.72 -17.36 -21.17
CA ILE B 248 -1.92 -18.81 -21.35
C ILE B 248 -3.20 -19.36 -20.76
N VAL B 249 -3.91 -18.58 -19.95
CA VAL B 249 -5.26 -18.89 -19.53
C VAL B 249 -6.17 -17.72 -19.73
N HIS B 250 -7.49 -17.97 -19.70
CA HIS B 250 -8.48 -16.87 -19.87
C HIS B 250 -8.53 -15.87 -18.71
N GLU B 251 -8.59 -14.58 -19.03
CA GLU B 251 -8.85 -13.54 -18.05
C GLU B 251 -7.93 -13.64 -16.86
N ALA B 252 -6.64 -13.74 -17.13
CA ALA B 252 -5.68 -14.09 -16.10
C ALA B 252 -5.55 -13.08 -14.97
N TRP B 253 -5.97 -11.82 -15.21
CA TRP B 253 -5.91 -10.78 -14.20
C TRP B 253 -7.30 -10.37 -13.77
N ASN B 254 -8.28 -11.24 -13.93
CA ASN B 254 -9.65 -10.98 -13.46
C ASN B 254 -10.25 -9.69 -13.97
N HIS B 255 -9.92 -9.34 -15.21
CA HIS B 255 -10.49 -8.13 -15.86
C HIS B 255 -10.17 -6.86 -15.11
N GLN B 256 -8.98 -6.78 -14.53
CA GLN B 256 -8.55 -5.55 -13.84
C GLN B 256 -8.57 -4.35 -14.76
N SER B 257 -8.35 -4.55 -16.07
CA SER B 257 -8.20 -3.45 -17.02
C SER B 257 -9.49 -3.14 -17.74
N TYR B 258 -9.46 -2.01 -18.45
CA TYR B 258 -10.64 -1.60 -19.20
C TYR B 258 -11.13 -2.67 -20.15
N ASP B 259 -10.19 -3.27 -20.91
CA ASP B 259 -10.46 -4.39 -21.80
C ASP B 259 -10.18 -5.67 -21.06
N SER B 260 -10.96 -6.69 -21.38
CA SER B 260 -10.68 -8.07 -20.98
CA SER B 260 -10.64 -8.06 -20.95
C SER B 260 -9.27 -8.50 -21.45
N ASP B 261 -8.74 -9.54 -20.83
CA ASP B 261 -7.49 -10.21 -21.30
C ASP B 261 -7.84 -11.62 -21.79
N PRO B 262 -8.07 -11.78 -23.10
CA PRO B 262 -8.35 -13.13 -23.63
C PRO B 262 -7.09 -13.99 -23.51
N SER B 263 -7.27 -15.30 -23.43
CA SER B 263 -6.15 -16.23 -23.49
C SER B 263 -5.65 -16.33 -24.93
N MET B 264 -4.33 -16.33 -25.09
CA MET B 264 -3.74 -16.63 -26.40
C MET B 264 -3.70 -18.15 -26.66
N ILE B 265 -3.98 -18.96 -25.64
CA ILE B 265 -4.10 -20.41 -25.78
C ILE B 265 -5.50 -20.79 -25.30
N LYS B 266 -6.36 -21.24 -26.21
N LYS B 266 -6.35 -21.29 -26.20
CA LYS B 266 -7.70 -21.67 -25.82
CA LYS B 266 -7.73 -21.66 -25.84
C LYS B 266 -7.70 -23.06 -25.24
C LYS B 266 -7.79 -23.08 -25.29
N TRP B 267 -8.31 -23.25 -24.08
CA TRP B 267 -8.38 -24.56 -23.42
C TRP B 267 -9.74 -25.19 -23.66
N ARG B 268 -9.69 -26.51 -23.84
CA ARG B 268 -10.92 -27.32 -23.94
C ARG B 268 -10.66 -28.66 -23.27
N LYS B 269 -11.75 -29.26 -22.78
CA LYS B 269 -11.68 -30.58 -22.15
C LYS B 269 -12.46 -31.53 -23.10
N ASN B 270 -11.77 -32.55 -23.57
CA ASN B 270 -12.36 -33.51 -24.50
C ASN B 270 -13.31 -34.48 -23.79
N SER B 271 -14.03 -35.26 -24.60
CA SER B 271 -14.98 -36.28 -24.08
C SER B 271 -14.35 -37.29 -23.16
N TYR B 272 -13.11 -37.66 -23.44
CA TYR B 272 -12.32 -38.55 -22.58
C TYR B 272 -12.07 -37.94 -21.20
N GLY B 273 -12.04 -36.61 -21.11
CA GLY B 273 -11.80 -35.90 -19.86
C GLY B 273 -10.41 -35.25 -19.68
N THR B 274 -9.60 -35.20 -20.75
CA THR B 274 -8.29 -34.51 -20.65
C THR B 274 -8.31 -33.20 -21.46
N PHE B 275 -7.32 -32.37 -21.22
CA PHE B 275 -7.32 -31.06 -21.83
C PHE B 275 -6.58 -31.01 -23.13
N GLU B 276 -7.10 -30.21 -24.05
CA GLU B 276 -6.43 -29.89 -25.29
C GLU B 276 -6.35 -28.38 -25.46
N PHE B 277 -5.40 -28.00 -26.30
CA PHE B 277 -4.99 -26.59 -26.34
C PHE B 277 -4.95 -26.10 -27.77
N ASP B 278 -5.50 -24.92 -28.03
CA ASP B 278 -5.45 -24.29 -29.35
C ASP B 278 -4.47 -23.10 -29.24
N TYR B 279 -3.28 -23.27 -29.78
CA TYR B 279 -2.20 -22.29 -29.71
C TYR B 279 -2.23 -21.27 -30.81
N SER B 280 -3.31 -21.16 -31.60
CA SER B 280 -3.31 -20.31 -32.82
C SER B 280 -2.92 -18.86 -32.61
N HIS B 281 -3.53 -18.23 -31.64
CA HIS B 281 -3.22 -16.81 -31.41
C HIS B 281 -1.82 -16.62 -30.85
N PHE B 282 -1.50 -17.41 -29.82
CA PHE B 282 -0.13 -17.45 -29.26
C PHE B 282 0.93 -17.52 -30.40
N ASP B 283 0.72 -18.47 -31.30
CA ASP B 283 1.72 -18.69 -32.37
C ASP B 283 1.83 -17.49 -33.32
N LYS B 284 0.70 -16.89 -33.66
CA LYS B 284 0.74 -15.72 -34.51
C LYS B 284 1.37 -14.49 -33.85
N TRP B 285 1.11 -14.35 -32.58
CA TRP B 285 1.68 -13.25 -31.80
C TRP B 285 3.20 -13.40 -31.65
N ILE B 286 3.65 -14.58 -31.23
CA ILE B 286 5.07 -14.81 -31.08
C ILE B 286 5.78 -14.65 -32.44
N GLN B 287 5.19 -15.21 -33.51
CA GLN B 287 5.86 -15.11 -34.81
C GLN B 287 5.97 -13.66 -35.25
N LEU B 288 4.96 -12.82 -34.97
CA LEU B 288 5.05 -11.40 -35.30
C LEU B 288 6.25 -10.77 -34.59
N ASN B 289 6.39 -11.10 -33.31
CA ASN B 289 7.51 -10.55 -32.56
C ASN B 289 8.89 -11.07 -32.98
N ILE B 290 8.93 -12.29 -33.48
CA ILE B 290 10.14 -12.80 -34.14
C ILE B 290 10.40 -12.05 -35.45
N ASP B 291 9.37 -11.86 -36.24
CA ASP B 291 9.52 -11.20 -37.55
C ASP B 291 9.99 -9.78 -37.41
N LEU B 292 9.57 -9.08 -36.34
CA LEU B 292 10.00 -7.73 -36.05
C LEU B 292 11.33 -7.67 -35.32
N GLY B 293 11.93 -8.81 -34.99
CA GLY B 293 13.27 -8.84 -34.36
C GLY B 293 13.31 -8.57 -32.87
N ILE B 294 12.17 -8.57 -32.22
CA ILE B 294 12.15 -8.49 -30.72
C ILE B 294 12.61 -9.79 -30.08
N LEU B 295 12.20 -10.91 -30.65
CA LEU B 295 12.55 -12.23 -30.21
C LEU B 295 13.44 -12.88 -31.28
N ASP B 296 14.43 -13.65 -30.87
CA ASP B 296 15.24 -14.46 -31.83
C ASP B 296 15.55 -15.79 -31.16
N PRO B 297 14.63 -16.74 -31.28
CA PRO B 297 14.81 -18.04 -30.62
C PRO B 297 16.05 -18.80 -31.10
N GLU B 298 16.48 -18.56 -32.33
CA GLU B 298 17.65 -19.27 -32.80
C GLU B 298 18.90 -18.83 -32.07
N LYS B 299 19.02 -17.54 -31.78
CA LYS B 299 20.16 -17.01 -31.04
C LYS B 299 19.96 -16.94 -29.53
N GLY B 300 18.76 -17.28 -29.06
CA GLY B 300 18.42 -17.23 -27.65
C GLY B 300 18.26 -15.83 -27.16
N PHE B 301 17.74 -14.92 -27.99
CA PHE B 301 17.55 -13.51 -27.60
C PHE B 301 16.07 -13.22 -27.33
N GLY B 302 15.80 -12.44 -26.31
CA GLY B 302 14.44 -12.05 -25.96
C GLY B 302 13.80 -13.10 -25.09
N GLN B 303 12.63 -12.75 -24.53
CA GLN B 303 11.90 -13.70 -23.67
C GLN B 303 10.43 -13.74 -24.00
N ILE B 304 9.88 -14.96 -24.04
CA ILE B 304 8.43 -15.18 -24.09
C ILE B 304 8.00 -15.41 -22.64
N LYS B 305 7.21 -14.51 -22.08
CA LYS B 305 6.76 -14.56 -20.69
C LYS B 305 5.30 -15.00 -20.68
N CYS B 306 5.05 -16.19 -20.17
CA CYS B 306 3.78 -16.87 -20.27
C CYS B 306 2.98 -16.72 -19.00
N TYR B 307 1.94 -15.92 -19.05
CA TYR B 307 1.19 -15.53 -17.86
C TYR B 307 -0.14 -16.25 -17.79
N SER B 308 -0.37 -17.08 -16.78
CA SER B 308 0.52 -17.46 -15.66
C SER B 308 0.07 -18.85 -15.17
N ILE B 309 0.98 -19.55 -14.50
CA ILE B 309 0.66 -20.76 -13.74
C ILE B 309 -0.07 -20.44 -12.42
N VAL B 310 -0.07 -19.17 -12.00
CA VAL B 310 -0.86 -18.72 -10.85
C VAL B 310 -1.65 -17.50 -11.32
N PRO B 311 -2.61 -17.73 -12.24
CA PRO B 311 -3.51 -16.66 -12.63
C PRO B 311 -4.45 -16.33 -11.45
N TRP B 312 -5.24 -15.29 -11.63
CA TRP B 312 -6.12 -14.83 -10.56
C TRP B 312 -6.95 -15.98 -9.96
N ASN B 313 -6.85 -16.15 -8.63
CA ASN B 313 -7.63 -17.15 -7.88
C ASN B 313 -7.44 -18.56 -8.39
N ASN B 314 -6.34 -18.80 -9.09
CA ASN B 314 -6.04 -20.11 -9.74
C ASN B 314 -7.08 -20.52 -10.75
N ARG B 315 -7.92 -19.61 -11.27
CA ARG B 315 -9.05 -19.95 -12.08
C ARG B 315 -8.64 -20.26 -13.52
N ILE B 316 -9.12 -21.39 -13.99
CA ILE B 316 -8.90 -21.83 -15.36
C ILE B 316 -10.27 -22.02 -15.97
N GLN B 317 -10.60 -21.20 -16.97
CA GLN B 317 -11.82 -21.37 -17.71
C GLN B 317 -11.55 -22.18 -18.97
N TYR B 318 -12.47 -23.06 -19.38
CA TYR B 318 -12.29 -23.89 -20.57
C TYR B 318 -13.61 -24.27 -21.15
N PHE B 319 -13.58 -24.71 -22.40
CA PHE B 319 -14.78 -25.24 -23.05
C PHE B 319 -14.86 -26.74 -22.80
N ASN B 320 -15.98 -27.21 -22.22
CA ASN B 320 -16.14 -28.60 -21.91
C ASN B 320 -16.91 -29.26 -23.07
N GLU B 321 -16.22 -30.09 -23.87
CA GLU B 321 -16.83 -30.67 -25.07
C GLU B 321 -17.95 -31.63 -24.74
N ALA B 322 -17.87 -32.26 -23.58
CA ALA B 322 -18.89 -33.28 -23.19
C ALA B 322 -20.22 -32.64 -22.88
N THR B 323 -20.21 -31.39 -22.40
CA THR B 323 -21.45 -30.63 -22.13
C THR B 323 -21.72 -29.50 -23.10
N ASN B 324 -20.76 -29.18 -23.96
CA ASN B 324 -20.91 -28.09 -24.88
C ASN B 324 -21.08 -26.73 -24.16
N LYS B 325 -20.51 -26.61 -22.98
CA LYS B 325 -20.60 -25.36 -22.21
C LYS B 325 -19.20 -24.97 -21.72
N GLU B 326 -19.02 -23.68 -21.53
CA GLU B 326 -17.88 -23.17 -20.76
C GLU B 326 -18.01 -23.61 -19.31
N GLU B 327 -16.87 -23.92 -18.71
CA GLU B 327 -16.76 -24.35 -17.33
C GLU B 327 -15.52 -23.73 -16.75
N ALA B 328 -15.38 -23.79 -15.44
CA ALA B 328 -14.19 -23.30 -14.78
C ALA B 328 -13.86 -24.08 -13.55
N ILE B 329 -12.58 -24.14 -13.23
CA ILE B 329 -12.09 -24.76 -12.03
C ILE B 329 -11.05 -23.83 -11.40
N ASN B 330 -10.77 -24.02 -10.13
CA ASN B 330 -9.72 -23.28 -9.47
CA ASN B 330 -9.84 -23.23 -9.35
C ASN B 330 -8.95 -24.09 -8.44
N PRO B 331 -8.21 -25.07 -8.96
CA PRO B 331 -7.43 -25.99 -8.15
C PRO B 331 -6.35 -25.29 -7.31
N THR B 332 -6.10 -25.79 -6.10
CA THR B 332 -5.15 -25.22 -5.20
C THR B 332 -3.75 -25.65 -5.58
N PRO B 333 -2.81 -24.73 -5.73
CA PRO B 333 -1.45 -25.06 -6.08
C PRO B 333 -0.88 -26.13 -5.18
N GLY B 334 -0.37 -27.17 -5.81
CA GLY B 334 0.28 -28.29 -5.09
C GLY B 334 -0.66 -29.44 -4.82
N SER B 335 -1.95 -29.25 -5.03
CA SER B 335 -2.95 -30.36 -4.83
C SER B 335 -2.72 -31.40 -5.95
N ASP B 336 -3.26 -32.59 -5.76
CA ASP B 336 -3.15 -33.60 -6.80
C ASP B 336 -3.83 -33.18 -8.10
N LEU B 337 -4.99 -32.57 -8.03
CA LEU B 337 -5.72 -32.13 -9.17
C LEU B 337 -4.92 -31.02 -9.94
N TRP B 338 -4.40 -30.07 -9.19
CA TRP B 338 -3.61 -28.98 -9.78
C TRP B 338 -2.38 -29.55 -10.49
N ILE B 339 -1.68 -30.45 -9.82
CA ILE B 339 -0.48 -31.07 -10.45
C ILE B 339 -0.91 -31.77 -11.72
N ASN B 340 -2.03 -32.51 -11.69
CA ASN B 340 -2.54 -33.23 -12.89
C ASN B 340 -2.76 -32.27 -14.05
N ILE B 341 -3.46 -31.18 -13.76
CA ILE B 341 -3.89 -30.25 -14.79
C ILE B 341 -2.68 -29.49 -15.37
N TRP B 342 -1.85 -28.96 -14.52
CA TRP B 342 -0.70 -28.19 -14.99
C TRP B 342 0.35 -29.06 -15.66
N THR B 343 0.43 -30.33 -15.23
CA THR B 343 1.28 -31.27 -15.98
C THR B 343 0.77 -31.46 -17.41
N GLN B 344 -0.56 -31.57 -17.59
CA GLN B 344 -1.13 -31.69 -18.93
C GLN B 344 -0.76 -30.47 -19.77
N PHE B 345 -0.92 -29.28 -19.17
CA PHE B 345 -0.56 -28.09 -19.88
C PHE B 345 0.93 -28.02 -20.23
N LEU B 346 1.79 -28.17 -19.24
CA LEU B 346 3.20 -27.91 -19.44
C LEU B 346 3.87 -28.94 -20.37
N THR B 347 3.39 -30.18 -20.33
CA THR B 347 3.94 -31.18 -21.28
C THR B 347 3.50 -30.90 -22.69
N SER B 348 2.23 -30.56 -22.89
CA SER B 348 1.75 -30.23 -24.26
C SER B 348 2.46 -28.97 -24.80
N PHE B 349 2.61 -27.97 -23.91
CA PHE B 349 3.23 -26.71 -24.29
C PHE B 349 4.69 -26.86 -24.65
N MET B 350 5.40 -27.65 -23.81
CA MET B 350 6.82 -27.89 -24.07
C MET B 350 6.97 -28.56 -25.44
N SER B 351 6.18 -29.59 -25.69
N SER B 351 6.19 -29.58 -25.73
CA SER B 351 6.22 -30.26 -26.99
CA SER B 351 6.30 -30.24 -27.03
C SER B 351 5.98 -29.31 -28.13
C SER B 351 5.97 -29.31 -28.18
N HIS B 352 4.95 -28.48 -28.02
CA HIS B 352 4.59 -27.51 -29.06
C HIS B 352 5.74 -26.55 -29.32
N LEU B 353 6.33 -26.04 -28.24
CA LEU B 353 7.39 -25.09 -28.36
C LEU B 353 8.70 -25.67 -28.94
N GLU B 354 8.98 -26.92 -28.59
CA GLU B 354 10.14 -27.64 -29.15
C GLU B 354 9.99 -27.81 -30.66
N GLU B 355 8.77 -28.08 -31.14
N GLU B 355 8.76 -28.12 -31.10
CA GLU B 355 8.55 -28.24 -32.58
CA GLU B 355 8.45 -28.26 -32.53
C GLU B 355 8.70 -26.91 -33.32
C GLU B 355 8.83 -26.95 -33.21
N LYS B 356 8.36 -25.82 -32.64
CA LYS B 356 8.61 -24.49 -33.20
C LYS B 356 10.05 -23.99 -33.10
N GLY B 357 10.84 -24.54 -32.20
CA GLY B 357 12.16 -24.01 -31.87
C GLY B 357 12.15 -22.82 -30.95
N TRP B 358 11.07 -22.66 -30.17
CA TRP B 358 10.93 -21.50 -29.25
C TRP B 358 11.11 -21.84 -27.78
N PHE B 359 11.29 -23.09 -27.42
CA PHE B 359 11.29 -23.49 -26.02
C PHE B 359 12.38 -22.78 -25.24
N ASN B 360 13.57 -22.65 -25.83
CA ASN B 360 14.72 -22.15 -25.12
C ASN B 360 14.57 -20.72 -24.62
N ILE B 361 13.67 -19.90 -25.20
CA ILE B 361 13.49 -18.53 -24.74
C ILE B 361 12.17 -18.38 -23.96
N THR B 362 11.51 -19.48 -23.61
CA THR B 362 10.18 -19.41 -22.99
C THR B 362 10.26 -19.53 -21.50
N TYR B 363 9.56 -18.61 -20.78
CA TYR B 363 9.51 -18.59 -19.32
C TYR B 363 8.03 -18.76 -18.94
N ILE B 364 7.77 -19.55 -17.90
CA ILE B 364 6.47 -19.59 -17.26
C ILE B 364 6.48 -18.52 -16.17
N SER B 365 5.53 -17.59 -16.23
CA SER B 365 5.44 -16.51 -15.26
C SER B 365 4.59 -16.90 -14.06
N MET B 366 5.08 -16.50 -12.88
CA MET B 366 4.28 -16.60 -11.66
C MET B 366 3.79 -15.19 -11.37
N ASP B 367 3.53 -14.89 -10.10
CA ASP B 367 3.01 -13.57 -9.69
CA ASP B 367 3.16 -13.54 -9.69
C ASP B 367 3.39 -13.48 -8.20
N GLU B 368 3.17 -12.33 -7.59
CA GLU B 368 3.32 -12.16 -6.10
C GLU B 368 2.22 -12.88 -5.35
N ARG B 369 2.48 -14.14 -4.97
CA ARG B 369 1.48 -14.96 -4.36
CA ARG B 369 1.50 -15.03 -4.39
C ARG B 369 2.08 -15.60 -3.12
N SER B 370 1.29 -16.42 -2.43
CA SER B 370 1.79 -17.02 -1.23
C SER B 370 3.02 -17.85 -1.55
N MET B 371 3.93 -17.93 -0.60
CA MET B 371 5.12 -18.69 -0.81
C MET B 371 4.76 -20.18 -0.94
N ASP B 372 3.70 -20.63 -0.31
CA ASP B 372 3.24 -22.02 -0.50
C ASP B 372 2.92 -22.26 -1.96
N ASP B 373 2.20 -21.33 -2.56
CA ASP B 373 1.82 -21.46 -3.96
C ASP B 373 3.04 -21.38 -4.84
N LEU B 374 3.96 -20.46 -4.56
CA LEU B 374 5.15 -20.30 -5.41
C LEU B 374 6.07 -21.50 -5.38
N LYS B 375 6.22 -22.08 -4.18
CA LYS B 375 6.98 -23.33 -4.05
C LYS B 375 6.37 -24.45 -4.83
N ALA B 376 5.05 -24.53 -4.85
CA ALA B 376 4.38 -25.59 -5.57
C ALA B 376 4.65 -25.40 -7.06
N CYS B 377 4.62 -24.15 -7.50
CA CYS B 377 4.88 -23.86 -8.93
C CYS B 377 6.30 -24.22 -9.37
N VAL B 378 7.28 -23.79 -8.58
CA VAL B 378 8.69 -24.01 -8.90
C VAL B 378 9.00 -25.54 -8.88
N ASP B 379 8.40 -26.24 -7.91
CA ASP B 379 8.61 -27.69 -7.75
C ASP B 379 8.03 -28.36 -9.01
N LEU B 380 6.82 -28.01 -9.42
CA LEU B 380 6.23 -28.68 -10.59
C LEU B 380 7.01 -28.34 -11.87
N ILE B 381 7.30 -27.06 -12.09
CA ILE B 381 8.03 -26.67 -13.32
C ILE B 381 9.39 -27.37 -13.40
N GLU B 382 10.08 -27.50 -12.29
CA GLU B 382 11.42 -28.14 -12.31
C GLU B 382 11.26 -29.62 -12.61
N ASN B 383 10.12 -30.20 -12.23
CA ASN B 383 9.88 -31.64 -12.39
C ASN B 383 9.45 -32.07 -13.79
N ILE B 384 9.06 -31.14 -14.66
CA ILE B 384 8.58 -31.42 -16.00
C ILE B 384 9.70 -31.09 -16.97
N THR B 385 10.37 -32.15 -17.50
CA THR B 385 11.54 -31.89 -18.32
C THR B 385 11.46 -32.64 -19.62
N ASN B 386 12.25 -32.16 -20.57
CA ASN B 386 12.46 -32.88 -21.81
C ASN B 386 13.51 -33.96 -21.59
N ASN B 387 13.85 -34.68 -22.66
CA ASN B 387 14.77 -35.78 -22.49
C ASN B 387 16.20 -35.40 -22.23
N SER B 388 16.56 -34.12 -22.45
CA SER B 388 17.85 -33.54 -22.01
C SER B 388 17.80 -32.94 -20.61
N TYR B 389 16.75 -33.25 -19.87
CA TYR B 389 16.56 -32.79 -18.50
C TYR B 389 16.36 -31.28 -18.43
N GLU B 390 15.93 -30.65 -19.51
CA GLU B 390 15.69 -29.17 -19.49
C GLU B 390 14.24 -28.93 -19.10
N HIS B 391 14.02 -27.94 -18.23
CA HIS B 391 12.65 -27.56 -17.81
C HIS B 391 12.44 -26.13 -18.27
N PHE B 392 11.18 -25.69 -18.24
CA PHE B 392 10.93 -24.28 -18.49
C PHE B 392 11.71 -23.37 -17.59
N LYS B 393 12.13 -22.23 -18.16
CA LYS B 393 12.57 -21.08 -17.35
C LYS B 393 11.35 -20.51 -16.60
N ILE B 394 11.67 -19.80 -15.51
CA ILE B 394 10.63 -19.26 -14.60
C ILE B 394 10.89 -17.77 -14.44
N SER B 395 9.79 -16.99 -14.47
CA SER B 395 9.80 -15.53 -14.30
C SER B 395 8.80 -15.13 -13.24
N SER B 396 9.13 -14.15 -12.38
CA SER B 396 8.09 -13.68 -11.47
C SER B 396 8.44 -12.34 -10.84
N ALA B 397 7.39 -11.52 -10.66
CA ALA B 397 7.49 -10.45 -9.68
C ALA B 397 7.67 -11.09 -8.34
N MET B 398 8.52 -10.50 -7.50
CA MET B 398 8.74 -11.03 -6.20
C MET B 398 8.80 -9.91 -5.17
N ASP B 399 8.24 -10.11 -3.98
N ASP B 399 8.25 -10.20 -3.98
CA ASP B 399 8.25 -9.00 -2.96
CA ASP B 399 8.25 -9.25 -2.85
C ASP B 399 9.45 -9.02 -2.00
C ASP B 399 9.46 -9.42 -1.97
N TYR B 400 10.63 -9.27 -2.57
CA TYR B 400 11.89 -9.32 -1.83
C TYR B 400 12.14 -7.97 -1.17
N GLU B 401 12.45 -8.02 0.15
CA GLU B 401 12.78 -6.82 0.93
C GLU B 401 14.10 -6.93 1.67
N SER B 402 14.42 -8.10 2.20
CA SER B 402 15.66 -8.25 2.94
C SER B 402 15.99 -9.71 3.10
N GLY B 403 17.24 -9.94 3.42
CA GLY B 403 17.70 -11.29 3.72
C GLY B 403 18.73 -11.75 2.72
N ASN B 404 19.58 -12.67 3.16
CA ASN B 404 20.59 -13.17 2.26
C ASN B 404 20.41 -14.65 1.95
N ASP B 405 19.24 -15.21 2.23
CA ASP B 405 18.93 -16.58 1.81
C ASP B 405 18.31 -16.52 0.38
N TYR B 406 19.12 -16.94 -0.57
CA TYR B 406 18.77 -16.82 -2.00
C TYR B 406 18.42 -18.20 -2.58
N SER B 407 18.25 -19.20 -1.71
N SER B 407 18.26 -19.19 -1.72
CA SER B 407 17.98 -20.56 -2.17
CA SER B 407 18.03 -20.56 -2.19
C SER B 407 16.77 -20.62 -3.09
C SER B 407 16.72 -20.75 -3.00
N PHE B 408 15.67 -19.98 -2.69
CA PHE B 408 14.46 -20.03 -3.50
C PHE B 408 14.60 -19.10 -4.70
N LEU B 409 15.09 -17.89 -4.50
CA LEU B 409 15.17 -16.91 -5.63
C LEU B 409 16.08 -17.46 -6.74
N ASP B 410 17.14 -18.20 -6.41
CA ASP B 410 18.01 -18.71 -7.41
C ASP B 410 17.39 -19.76 -8.38
N ARG B 411 16.25 -20.31 -8.00
CA ARG B 411 15.46 -21.25 -8.80
C ARG B 411 14.55 -20.52 -9.80
N ILE B 412 14.50 -19.21 -9.72
CA ILE B 412 13.71 -18.38 -10.67
C ILE B 412 14.63 -17.57 -11.57
N ASP B 413 14.48 -17.70 -12.88
CA ASP B 413 15.42 -17.17 -13.83
C ASP B 413 15.34 -15.68 -14.06
N ASP B 414 14.18 -15.10 -13.84
CA ASP B 414 14.04 -13.63 -14.01
C ASP B 414 13.03 -13.15 -12.97
N ILE B 415 13.49 -12.21 -12.14
CA ILE B 415 12.58 -11.65 -11.12
C ILE B 415 12.51 -10.14 -11.22
N SER B 416 11.36 -9.55 -10.81
CA SER B 416 11.17 -8.10 -10.83
C SER B 416 10.71 -7.69 -9.44
N ILE B 417 11.38 -6.69 -8.87
CA ILE B 417 11.07 -6.21 -7.50
C ILE B 417 10.47 -4.82 -7.61
N GLY B 418 9.33 -4.62 -6.99
CA GLY B 418 8.66 -3.32 -7.02
C GLY B 418 9.38 -2.30 -6.17
N LEU B 419 9.45 -1.08 -6.66
CA LEU B 419 10.10 0.01 -5.98
C LEU B 419 9.65 0.13 -4.52
N SER B 420 8.37 -0.06 -4.27
CA SER B 420 7.77 0.05 -2.92
CA SER B 420 7.86 0.14 -2.89
C SER B 420 8.41 -0.92 -1.93
N HIS B 421 8.94 -2.02 -2.42
CA HIS B 421 9.56 -3.03 -1.55
C HIS B 421 11.03 -2.81 -1.30
N ILE B 422 11.66 -1.88 -2.00
CA ILE B 422 13.11 -1.72 -1.91
C ILE B 422 13.41 -0.71 -0.80
N ASN B 423 14.20 -1.20 0.15
CA ASN B 423 14.72 -0.34 1.24
C ASN B 423 15.99 0.40 0.78
N HIS B 424 15.89 1.69 0.59
CA HIS B 424 17.03 2.50 0.14
C HIS B 424 18.23 2.59 1.10
N ASN B 425 17.98 2.46 2.39
N ASN B 425 17.93 2.44 2.40
CA ASN B 425 19.10 2.55 3.33
CA ASN B 425 18.92 2.47 3.51
C ASN B 425 19.53 1.16 3.78
C ASN B 425 19.75 1.21 3.68
N SER B 426 19.53 0.20 2.85
CA SER B 426 20.12 -1.10 3.04
C SER B 426 20.74 -1.51 1.73
N ASP B 427 21.80 -2.30 1.82
CA ASP B 427 22.42 -2.87 0.66
C ASP B 427 21.81 -4.24 0.35
N ASP B 428 20.76 -4.68 1.05
CA ASP B 428 20.20 -6.04 0.84
C ASP B 428 19.75 -6.25 -0.63
N MET B 429 19.12 -5.24 -1.22
CA MET B 429 18.67 -5.40 -2.63
C MET B 429 19.86 -5.50 -3.59
N LYS B 430 20.86 -4.62 -3.45
N LYS B 430 20.90 -4.67 -3.46
CA LYS B 430 22.08 -4.57 -4.27
CA LYS B 430 22.02 -4.71 -4.37
C LYS B 430 22.82 -5.87 -4.13
C LYS B 430 22.75 -6.00 -4.16
N ASN B 431 22.84 -6.45 -2.93
CA ASN B 431 23.55 -7.70 -2.70
C ASN B 431 22.82 -8.90 -3.31
N MET B 432 21.50 -8.90 -3.21
CA MET B 432 20.67 -9.90 -3.84
C MET B 432 20.84 -9.87 -5.36
N ALA B 433 20.77 -8.67 -5.94
CA ALA B 433 20.90 -8.55 -7.39
C ALA B 433 22.30 -8.92 -7.88
N THR B 434 23.32 -8.61 -7.06
CA THR B 434 24.71 -8.89 -7.45
C THR B 434 24.91 -10.40 -7.53
N HIS B 435 24.32 -11.14 -6.59
CA HIS B 435 24.42 -12.59 -6.57
C HIS B 435 23.76 -13.18 -7.85
N ARG B 436 22.63 -12.59 -8.26
CA ARG B 436 21.98 -13.02 -9.48
C ARG B 436 22.80 -12.70 -10.73
N GLN B 437 23.43 -11.54 -10.78
CA GLN B 437 24.23 -11.15 -11.90
C GLN B 437 25.39 -12.15 -12.05
N GLU B 438 25.96 -12.58 -10.93
CA GLU B 438 27.05 -13.59 -10.95
C GLU B 438 26.61 -14.95 -11.44
N LEU B 439 25.34 -15.31 -11.23
CA LEU B 439 24.76 -16.55 -11.72
C LEU B 439 24.19 -16.46 -13.14
N GLY B 440 24.24 -15.28 -13.72
CA GLY B 440 23.70 -15.06 -15.07
C GLY B 440 22.16 -15.01 -15.13
N LEU B 441 21.53 -14.79 -14.00
CA LEU B 441 20.07 -14.67 -13.90
C LEU B 441 19.70 -13.21 -14.12
N LEU B 442 18.42 -12.98 -14.45
CA LEU B 442 17.92 -11.63 -14.74
C LEU B 442 17.21 -11.07 -13.50
N THR B 443 17.40 -9.77 -13.31
CA THR B 443 16.71 -9.05 -12.26
C THR B 443 16.34 -7.67 -12.81
N THR B 444 15.11 -7.22 -12.46
CA THR B 444 14.69 -5.86 -12.75
C THR B 444 13.95 -5.27 -11.56
N ILE B 445 13.70 -3.97 -11.65
CA ILE B 445 12.76 -3.28 -10.75
C ILE B 445 11.52 -2.93 -11.55
N TYR B 446 10.42 -2.66 -10.86
CA TYR B 446 9.21 -2.15 -11.52
C TYR B 446 8.57 -1.09 -10.72
N THR B 447 7.74 -0.28 -11.38
CA THR B 447 6.83 0.63 -10.71
C THR B 447 5.40 0.35 -11.15
N CYS B 448 4.46 0.76 -10.31
CA CYS B 448 3.04 0.51 -10.54
C CYS B 448 2.24 1.54 -9.72
N THR B 449 0.94 1.31 -9.64
CA THR B 449 0.07 2.14 -8.79
C THR B 449 0.67 2.31 -7.42
N GLY B 450 0.56 3.52 -6.87
CA GLY B 450 1.08 3.78 -5.53
C GLY B 450 2.54 4.06 -5.35
N ASP B 451 3.33 3.91 -6.42
CA ASP B 451 4.74 4.22 -6.37
C ASP B 451 5.02 5.68 -6.64
N TYR B 452 6.10 6.15 -6.01
CA TYR B 452 6.75 7.44 -6.34
C TYR B 452 8.21 7.29 -6.16
N PRO B 453 9.04 7.65 -7.13
CA PRO B 453 8.66 8.11 -8.48
C PRO B 453 7.90 7.05 -9.27
N SER B 454 7.19 7.49 -10.30
CA SER B 454 6.47 6.56 -11.18
C SER B 454 6.30 7.18 -12.55
N SER B 455 5.40 6.57 -13.34
CA SER B 455 5.23 6.92 -14.78
C SER B 455 3.74 7.11 -15.11
N PHE B 456 3.08 7.99 -14.36
CA PHE B 456 1.67 8.36 -14.55
C PHE B 456 1.53 9.60 -15.36
N THR B 457 0.35 9.85 -15.84
CA THR B 457 0.02 11.15 -16.52
C THR B 457 0.35 12.35 -15.66
N ILE B 458 0.10 12.25 -14.35
CA ILE B 458 0.30 13.35 -13.38
C ILE B 458 1.72 13.44 -12.87
N SER B 459 2.57 12.44 -13.18
CA SER B 459 3.97 12.46 -12.76
C SER B 459 4.77 13.56 -13.46
N ASP B 460 5.84 14.02 -12.82
CA ASP B 460 6.85 14.75 -13.59
C ASP B 460 7.47 13.72 -14.53
N PRO B 461 7.59 14.03 -15.82
CA PRO B 461 8.24 13.04 -16.69
C PRO B 461 9.65 12.59 -16.28
N SER B 462 10.44 13.48 -15.67
CA SER B 462 11.78 13.08 -15.24
C SER B 462 11.78 11.96 -14.21
N GLU B 463 10.63 11.69 -13.56
CA GLU B 463 10.54 10.53 -12.68
C GLU B 463 10.93 9.23 -13.37
N GLY B 464 10.67 9.15 -14.66
CA GLY B 464 11.06 7.99 -15.45
C GLY B 464 12.56 7.84 -15.61
N ALA B 465 13.27 8.95 -15.81
CA ALA B 465 14.70 8.86 -15.90
C ALA B 465 15.27 8.44 -14.51
N PHE B 466 14.70 9.00 -13.43
CA PHE B 466 15.11 8.56 -12.11
C PHE B 466 14.96 7.06 -11.95
N THR B 467 13.78 6.55 -12.33
CA THR B 467 13.45 5.17 -12.17
C THR B 467 14.53 4.27 -12.82
N ILE B 468 14.95 4.64 -14.06
CA ILE B 468 15.89 3.79 -14.76
C ILE B 468 17.27 3.86 -14.05
N TRP B 469 17.69 5.06 -13.65
CA TRP B 469 18.96 5.17 -12.85
C TRP B 469 18.87 4.30 -11.60
N TYR B 470 17.70 4.29 -10.96
CA TYR B 470 17.54 3.47 -9.74
C TYR B 470 17.76 2.01 -10.02
N SER B 471 17.39 1.56 -11.22
CA SER B 471 17.62 0.15 -11.53
C SER B 471 19.12 -0.20 -11.57
N LEU B 472 19.95 0.76 -12.00
CA LEU B 472 21.42 0.55 -12.01
C LEU B 472 22.03 0.77 -10.60
N TYR B 473 21.43 1.68 -9.87
CA TYR B 473 21.82 1.88 -8.46
C TYR B 473 21.69 0.59 -7.69
N GLN B 474 20.67 -0.21 -8.00
CA GLN B 474 20.47 -1.49 -7.28
C GLN B 474 21.17 -2.69 -7.95
N ASN B 475 22.02 -2.42 -8.93
CA ASN B 475 22.76 -3.43 -9.68
C ASN B 475 21.87 -4.49 -10.32
N THR B 476 20.68 -4.05 -10.75
CA THR B 476 19.81 -4.90 -11.53
C THR B 476 20.07 -4.69 -13.05
N ASN B 477 19.43 -5.55 -13.86
CA ASN B 477 19.57 -5.45 -15.30
C ASN B 477 18.71 -4.40 -15.96
N GLY B 478 17.68 -3.93 -15.28
CA GLY B 478 16.85 -2.92 -15.88
C GLY B 478 15.47 -2.83 -15.26
N PHE B 479 14.47 -2.71 -16.10
CA PHE B 479 13.17 -2.16 -15.76
C PHE B 479 12.03 -2.91 -16.40
N LEU B 480 11.00 -3.19 -15.61
CA LEU B 480 9.76 -3.85 -16.04
C LEU B 480 8.62 -2.94 -15.72
N ARG B 481 7.63 -2.88 -16.63
CA ARG B 481 6.34 -2.26 -16.28
C ARG B 481 5.22 -2.98 -16.98
N TRP B 482 4.09 -3.06 -16.35
CA TRP B 482 2.96 -3.84 -16.83
C TRP B 482 2.20 -3.11 -17.95
N SER B 483 2.67 -1.95 -18.37
CA SER B 483 1.77 -0.91 -18.90
C SER B 483 2.16 -0.33 -20.25
N TRP B 484 2.33 -1.13 -21.31
CA TRP B 484 2.64 -0.49 -22.59
C TRP B 484 1.45 0.27 -23.14
N ASP B 485 0.30 -0.36 -23.13
CA ASP B 485 -0.76 0.01 -24.06
C ASP B 485 -2.19 -0.30 -23.55
N GLY B 486 -2.40 -0.29 -22.22
CA GLY B 486 -3.69 -0.63 -21.63
C GLY B 486 -4.74 0.48 -21.69
N TRP B 487 -5.08 0.85 -22.92
CA TRP B 487 -5.94 2.01 -23.17
C TRP B 487 -7.33 1.89 -22.54
N VAL B 488 -7.86 3.04 -22.13
CA VAL B 488 -9.28 3.17 -21.80
C VAL B 488 -10.10 3.42 -23.09
N GLU B 489 -11.32 3.91 -22.98
N GLU B 489 -11.31 3.96 -22.98
CA GLU B 489 -12.16 3.98 -24.19
CA GLU B 489 -12.15 4.08 -24.17
C GLU B 489 -11.62 4.97 -25.19
C GLU B 489 -11.61 5.07 -25.19
N ASN B 490 -11.29 6.15 -24.69
N ASN B 490 -11.34 6.28 -24.71
CA ASN B 490 -10.88 7.24 -25.56
CA ASN B 490 -10.90 7.39 -25.54
C ASN B 490 -9.80 8.10 -24.88
C ASN B 490 -9.79 8.15 -24.80
N PRO B 491 -8.61 7.52 -24.66
CA PRO B 491 -7.57 8.20 -23.86
C PRO B 491 -7.11 9.54 -24.42
N LEU B 492 -7.23 9.76 -25.74
CA LEU B 492 -6.83 11.05 -26.30
C LEU B 492 -7.66 12.20 -25.73
N GLU B 493 -8.85 11.88 -25.22
CA GLU B 493 -9.67 12.91 -24.57
CA GLU B 493 -9.73 12.87 -24.56
C GLU B 493 -9.79 12.78 -23.05
N ASN B 494 -9.74 11.56 -22.51
CA ASN B 494 -9.85 11.42 -21.07
C ASN B 494 -9.24 10.07 -20.70
N VAL B 495 -8.18 10.10 -19.90
CA VAL B 495 -7.49 8.85 -19.48
C VAL B 495 -8.07 8.19 -18.24
N SER B 496 -9.04 8.82 -17.61
CA SER B 496 -9.48 8.35 -16.32
C SER B 496 -9.99 6.92 -16.33
N TYR B 497 -9.59 6.16 -15.31
CA TYR B 497 -10.06 4.79 -15.17
C TYR B 497 -10.50 4.53 -13.73
N LYS B 498 -11.33 3.52 -13.52
CA LYS B 498 -11.80 3.24 -12.17
C LYS B 498 -10.73 2.88 -11.12
N TYR B 499 -9.58 2.34 -11.54
CA TYR B 499 -8.48 2.02 -10.69
C TYR B 499 -7.24 2.81 -11.05
N TRP B 500 -6.45 3.08 -10.06
CA TRP B 500 -5.04 3.52 -10.19
C TRP B 500 -4.91 4.98 -10.54
N GLU B 501 -3.71 5.49 -10.34
CA GLU B 501 -3.38 6.84 -10.82
C GLU B 501 -3.58 6.96 -12.34
N PRO B 502 -3.91 8.16 -12.83
CA PRO B 502 -4.23 8.27 -14.24
C PRO B 502 -3.03 7.97 -15.13
N GLY B 503 -3.25 7.22 -16.21
CA GLY B 503 -2.16 6.87 -17.13
C GLY B 503 -1.34 5.69 -16.69
N ASP B 504 -1.54 5.18 -15.46
CA ASP B 504 -0.84 3.97 -15.04
C ASP B 504 -0.85 2.86 -16.07
N PRO B 505 -1.98 2.58 -16.76
CA PRO B 505 -1.97 1.39 -17.65
C PRO B 505 -1.38 1.51 -19.03
N PHE B 506 -0.91 2.69 -19.39
CA PHE B 506 -0.35 2.84 -20.77
C PHE B 506 0.73 3.89 -20.82
N LEU B 507 1.85 3.58 -21.49
CA LEU B 507 2.96 4.50 -21.74
C LEU B 507 2.89 5.17 -23.09
N ILE B 508 2.13 4.55 -23.99
CA ILE B 508 1.83 5.16 -25.31
C ILE B 508 0.34 5.39 -25.43
N TYR B 509 -0.03 6.35 -26.25
CA TYR B 509 -1.42 6.57 -26.63
C TYR B 509 -1.71 5.94 -27.99
N PRO B 510 -2.98 5.59 -28.24
CA PRO B 510 -3.38 5.27 -29.59
C PRO B 510 -3.41 6.53 -30.46
N ALA B 511 -3.43 6.33 -31.78
CA ALA B 511 -3.77 7.44 -32.66
C ALA B 511 -5.25 7.61 -32.64
N GLU B 512 -5.73 8.61 -33.36
CA GLU B 512 -7.18 8.87 -33.45
C GLU B 512 -7.92 7.66 -34.00
N LYS B 513 -9.12 7.45 -33.45
CA LYS B 513 -9.98 6.43 -33.96
C LYS B 513 -10.26 6.62 -35.44
N ASP B 514 -10.35 5.49 -36.13
CA ASP B 514 -10.72 5.49 -37.55
C ASP B 514 -9.65 6.17 -38.37
N SER B 515 -8.49 6.46 -37.81
CA SER B 515 -7.45 7.14 -38.57
C SER B 515 -6.48 6.15 -39.25
N ILE B 516 -5.81 6.66 -40.26
CA ILE B 516 -4.84 5.89 -41.05
C ILE B 516 -3.57 6.74 -41.13
N GLY B 517 -2.44 6.14 -40.81
CA GLY B 517 -1.18 6.84 -40.79
C GLY B 517 -0.53 6.36 -39.51
N LYS B 518 -0.32 7.31 -38.59
CA LYS B 518 0.23 6.96 -37.27
C LYS B 518 -0.73 5.99 -36.58
N THR B 519 -0.13 5.10 -35.80
CA THR B 519 -0.86 4.12 -35.03
C THR B 519 -0.67 4.26 -33.50
N PHE B 520 0.14 5.22 -33.09
CA PHE B 520 0.34 5.50 -31.66
C PHE B 520 1.03 6.86 -31.56
N TYR B 521 0.97 7.41 -30.35
CA TYR B 521 1.74 8.61 -29.99
C TYR B 521 2.56 8.30 -28.73
N SER B 522 3.78 8.81 -28.71
CA SER B 522 4.57 8.74 -27.48
C SER B 522 4.09 9.75 -26.45
N THR B 523 4.76 9.74 -25.32
CA THR B 523 4.46 10.56 -24.17
C THR B 523 5.78 11.09 -23.56
N PRO B 524 5.74 12.24 -22.90
CA PRO B 524 6.96 12.68 -22.22
C PRO B 524 7.49 11.69 -21.22
N ARG B 525 6.59 11.10 -20.45
CA ARG B 525 7.03 10.10 -19.51
C ARG B 525 7.75 8.92 -20.14
N LEU B 526 7.23 8.41 -21.28
CA LEU B 526 7.95 7.36 -21.97
C LEU B 526 9.33 7.87 -22.49
N GLU B 527 9.35 9.05 -23.08
CA GLU B 527 10.62 9.61 -23.59
C GLU B 527 11.65 9.74 -22.48
N LYS B 528 11.20 9.99 -21.25
CA LYS B 528 12.19 10.04 -20.14
C LYS B 528 12.68 8.68 -19.67
N LEU B 529 11.81 7.64 -19.76
CA LEU B 529 12.29 6.29 -19.63
C LEU B 529 13.34 6.00 -20.69
N LYS B 530 13.05 6.37 -21.96
CA LYS B 530 14.03 6.14 -23.01
C LYS B 530 15.36 6.85 -22.75
N GLU B 531 15.30 8.09 -22.28
CA GLU B 531 16.52 8.86 -21.94
C GLU B 531 17.30 8.12 -20.82
N GLY B 532 16.61 7.69 -19.76
CA GLY B 532 17.28 6.94 -18.72
C GLY B 532 17.98 5.72 -19.21
N ILE B 533 17.31 4.97 -20.08
CA ILE B 533 17.89 3.74 -20.64
C ILE B 533 19.16 4.09 -21.47
N ARG B 534 19.05 5.09 -22.33
CA ARG B 534 20.24 5.53 -23.10
C ARG B 534 21.39 5.85 -22.15
N ASP B 535 21.04 6.50 -21.06
CA ASP B 535 22.08 7.02 -20.18
C ASP B 535 22.68 5.97 -19.28
N ILE B 536 21.90 5.03 -18.76
CA ILE B 536 22.49 3.87 -18.07
C ILE B 536 23.31 3.04 -19.01
N ASN B 537 22.90 3.01 -20.28
CA ASN B 537 23.69 2.28 -21.26
C ASN B 537 25.05 2.92 -21.51
N LYS B 538 25.12 4.22 -21.45
CA LYS B 538 26.40 4.93 -21.49
C LYS B 538 27.26 4.50 -20.27
N ALA B 539 26.66 4.49 -19.09
CA ALA B 539 27.41 4.11 -17.89
C ALA B 539 27.94 2.68 -17.98
N LYS B 540 27.10 1.77 -18.48
CA LYS B 540 27.45 0.35 -18.59
C LYS B 540 28.56 0.17 -19.61
N TYR B 541 28.45 0.90 -20.71
CA TYR B 541 29.48 0.95 -21.79
C TYR B 541 30.84 1.37 -21.20
N LEU B 542 30.83 2.44 -20.44
CA LEU B 542 32.10 2.98 -19.85
C LEU B 542 32.68 2.07 -18.82
N MET B 543 31.84 1.44 -18.02
CA MET B 543 32.33 0.52 -17.02
C MET B 543 33.06 -0.67 -17.67
N GLU B 544 32.56 -1.09 -18.82
CA GLU B 544 33.19 -2.18 -19.60
C GLU B 544 34.39 -1.72 -20.40
N LYS B 545 34.29 -0.60 -21.10
CA LYS B 545 35.30 -0.17 -22.08
C LYS B 545 36.41 0.71 -21.51
N ALA B 546 36.14 1.39 -20.37
CA ALA B 546 37.10 2.23 -19.69
C ALA B 546 37.28 1.63 -18.29
N PRO B 547 37.87 0.43 -18.17
CA PRO B 547 37.90 -0.32 -16.91
C PRO B 547 38.57 0.48 -15.74
N ASN B 548 39.44 1.43 -16.05
CA ASN B 548 40.06 2.23 -14.98
C ASN B 548 39.14 3.28 -14.42
N LEU B 549 38.09 3.63 -15.14
CA LEU B 549 37.06 4.55 -14.64
C LEU B 549 35.94 3.83 -13.89
N LYS B 550 35.85 2.53 -13.95
CA LYS B 550 34.70 1.81 -13.43
C LYS B 550 34.44 2.09 -11.94
N ASN B 551 35.49 2.05 -11.11
CA ASN B 551 35.25 2.27 -9.66
C ASN B 551 34.68 3.67 -9.38
N SER B 552 35.16 4.70 -10.09
CA SER B 552 34.68 6.05 -9.90
C SER B 552 33.26 6.19 -10.45
N ILE B 553 32.96 5.50 -11.55
CA ILE B 553 31.59 5.52 -12.06
C ILE B 553 30.63 4.85 -11.09
N GLU B 554 31.01 3.71 -10.53
CA GLU B 554 30.23 3.04 -9.45
C GLU B 554 30.02 3.99 -8.28
N ASN B 555 31.08 4.67 -7.85
CA ASN B 555 30.92 5.56 -6.70
C ASN B 555 29.96 6.75 -7.04
N LEU B 556 29.95 7.29 -8.26
CA LEU B 556 28.95 8.31 -8.66
C LEU B 556 27.50 7.70 -8.60
N ILE B 557 27.32 6.57 -9.22
CA ILE B 557 25.98 5.95 -9.25
C ILE B 557 25.45 5.69 -7.84
N TYR B 558 26.33 5.23 -6.97
CA TYR B 558 25.96 4.86 -5.61
C TYR B 558 25.75 6.06 -4.68
N SER B 559 26.00 7.27 -5.18
CA SER B 559 25.63 8.53 -4.52
C SER B 559 24.14 8.91 -4.71
N LEU B 560 23.41 8.21 -5.59
CA LEU B 560 22.03 8.55 -5.89
C LEU B 560 21.17 8.60 -4.59
N LYS B 561 20.41 9.66 -4.48
CA LYS B 561 19.49 9.88 -3.32
C LYS B 561 18.10 9.56 -3.76
N ARG B 562 17.26 9.15 -2.86
CA ARG B 562 15.90 8.73 -3.22
C ARG B 562 14.86 9.56 -2.42
N PRO B 563 13.83 10.05 -3.09
CA PRO B 563 12.85 10.88 -2.41
C PRO B 563 11.87 10.04 -1.60
N ASN B 564 11.37 10.68 -0.56
CA ASN B 564 10.24 10.17 0.17
C ASN B 564 8.91 10.48 -0.54
N LYS B 565 7.92 9.62 -0.26
CA LYS B 565 6.61 9.76 -0.87
C LYS B 565 5.47 9.98 0.10
N GLY B 566 4.43 10.60 -0.43
CA GLY B 566 3.16 10.73 0.25
C GLY B 566 2.04 10.59 -0.74
N GLU B 567 0.91 11.24 -0.44
CA GLU B 567 -0.34 11.16 -1.26
C GLU B 567 -1.01 12.51 -1.40
N ASN B 568 -1.66 12.74 -2.54
CA ASN B 568 -2.49 13.92 -2.70
C ASN B 568 -3.86 13.62 -1.90
N ALA B 569 -4.77 14.59 -1.97
CA ALA B 569 -6.05 14.50 -1.21
C ALA B 569 -6.99 13.48 -1.80
N TYR B 570 -6.62 12.89 -2.94
CA TYR B 570 -7.51 12.05 -3.69
C TYR B 570 -6.89 10.68 -3.91
N GLY B 571 -5.85 10.37 -3.15
CA GLY B 571 -5.32 9.00 -3.10
C GLY B 571 -4.17 8.65 -3.99
N SER B 572 -3.66 9.63 -4.74
CA SER B 572 -2.55 9.36 -5.67
C SER B 572 -1.21 9.55 -4.99
N ALA B 573 -0.23 8.71 -5.35
CA ALA B 573 1.10 8.84 -4.80
C ALA B 573 1.80 10.05 -5.41
N VAL B 574 2.45 10.81 -4.54
CA VAL B 574 3.14 12.03 -4.89
C VAL B 574 4.41 12.14 -4.04
N ALA B 575 5.22 13.16 -4.33
CA ALA B 575 6.41 13.46 -3.47
C ALA B 575 5.91 13.86 -2.06
N ALA B 576 6.69 13.52 -1.05
CA ALA B 576 6.38 13.85 0.37
C ALA B 576 6.54 15.32 0.67
N SER B 577 7.20 16.08 -0.20
CA SER B 577 7.44 17.50 0.05
C SER B 577 8.01 18.13 -1.19
N LYS B 578 8.08 19.45 -1.20
CA LYS B 578 8.77 20.16 -2.31
C LYS B 578 10.22 19.75 -2.43
N GLU B 579 10.96 19.65 -1.33
CA GLU B 579 12.33 19.17 -1.37
C GLU B 579 12.45 17.81 -2.05
N ASP B 580 11.51 16.92 -1.78
CA ASP B 580 11.53 15.57 -2.36
C ASP B 580 11.28 15.63 -3.86
N ARG B 581 10.34 16.46 -4.28
CA ARG B 581 10.05 16.64 -5.72
C ARG B 581 11.27 17.21 -6.44
N ASP B 582 11.89 18.19 -5.81
CA ASP B 582 13.08 18.83 -6.45
C ASP B 582 14.25 17.83 -6.52
N LEU B 583 14.38 16.91 -5.53
CA LEU B 583 15.40 15.90 -5.52
C LEU B 583 15.25 14.93 -6.69
N THR B 584 14.03 14.49 -6.97
CA THR B 584 13.86 13.50 -8.00
C THR B 584 14.44 13.99 -9.33
N ILE B 585 14.09 15.23 -9.64
CA ILE B 585 14.64 15.87 -10.86
C ILE B 585 16.14 16.11 -10.82
N SER B 586 16.58 16.66 -9.75
CA SER B 586 17.93 17.14 -9.69
C SER B 586 18.91 15.92 -9.74
N GLU B 587 18.55 14.83 -9.07
CA GLU B 587 19.32 13.59 -9.18
C GLU B 587 19.54 12.96 -10.58
N ALA B 588 18.51 12.72 -11.38
CA ALA B 588 18.78 12.11 -12.68
C ALA B 588 19.72 12.95 -13.57
N ASN B 589 19.50 14.25 -13.52
CA ASN B 589 20.35 15.15 -14.33
C ASN B 589 21.79 15.18 -13.75
N ARG B 590 21.93 15.12 -12.41
CA ARG B 590 23.24 15.02 -11.81
C ARG B 590 24.05 13.84 -12.24
N ILE B 591 23.44 12.67 -12.21
CA ILE B 591 24.14 11.44 -12.55
C ILE B 591 24.50 11.46 -14.04
N LYS B 592 23.52 11.83 -14.87
CA LYS B 592 23.74 11.94 -16.31
C LYS B 592 24.90 12.82 -16.65
N ASN B 593 24.95 14.01 -16.03
CA ASN B 593 26.07 14.92 -16.28
C ASN B 593 27.40 14.35 -15.82
N GLY B 594 27.44 13.70 -14.67
CA GLY B 594 28.61 12.97 -14.23
C GLY B 594 29.13 11.95 -15.21
N ILE B 595 28.21 11.20 -15.80
CA ILE B 595 28.60 10.13 -16.68
C ILE B 595 29.21 10.72 -17.94
N ASN B 596 28.61 11.78 -18.48
CA ASN B 596 29.18 12.46 -19.67
C ASN B 596 30.52 13.10 -19.37
N ASN B 597 30.72 13.52 -18.11
CA ASN B 597 32.01 13.94 -17.69
C ASN B 597 33.07 12.81 -17.72
N PHE B 598 32.72 11.60 -17.30
CA PHE B 598 33.61 10.42 -17.40
C PHE B 598 33.82 10.03 -18.89
N ALA B 599 32.77 10.20 -19.68
CA ALA B 599 32.94 10.00 -21.13
C ALA B 599 34.05 10.85 -21.70
N ARG B 600 34.00 12.15 -21.41
CA ARG B 600 35.07 13.09 -21.87
C ARG B 600 36.42 12.65 -21.35
N GLU B 601 36.47 12.17 -20.11
CA GLU B 601 37.76 11.69 -19.61
C GLU B 601 38.33 10.51 -20.40
N PHE B 602 37.47 9.56 -20.71
CA PHE B 602 37.86 8.37 -21.44
C PHE B 602 38.33 8.72 -22.88
N ILE B 603 37.61 9.64 -23.51
CA ILE B 603 37.95 10.10 -24.87
C ILE B 603 39.33 10.77 -24.83
N SER B 604 39.57 11.60 -23.81
CA SER B 604 40.90 12.18 -23.60
C SER B 604 41.99 11.13 -23.36
N LEU B 605 41.74 10.14 -22.51
CA LEU B 605 42.71 9.04 -22.30
C LEU B 605 42.98 8.15 -23.52
N THR B 606 42.19 8.22 -24.59
CA THR B 606 42.40 7.33 -25.77
C THR B 606 42.68 8.09 -27.08
#